data_4V2P
#
_entry.id   4V2P
#
_cell.length_a   50.190
_cell.length_b   58.790
_cell.length_c   62.820
_cell.angle_alpha   104.75
_cell.angle_beta   105.48
_cell.angle_gamma   93.90
#
_symmetry.space_group_name_H-M   'P 1'
#
loop_
_entity.id
_entity.type
_entity.pdbx_description
1 polymer KETOSYNTHASE
2 non-polymer 'PHOSPHATE ION'
3 non-polymer (4S)-2-METHYL-2,4-PENTANEDIOL
4 non-polymer 'CHLORIDE ION'
5 non-polymer 'SODIUM ION'
6 water water
#
_entity_poly.entity_id   1
_entity_poly.type   'polypeptide(L)'
_entity_poly.pdbx_seq_one_letter_code
;MNHKVHHHHHHIEGRHMNNSGSFSLPFKLAGLGRYVPEDIVLSSELEKKYDLPQGWCLEKQGIRERRWVKGETAAFMGAE
AAKEAVRDAGLQLSDIDLIISASGSPQQAVPDGGPLVQRELGLGRSGTPAITVNAS(CSD)LSFFVALEVASNYLNMRRY
RRILVVSADIASVSLDFRKPENFTLFGDAAAAAVVTLPEPGEKSCIHASHLRTYGFGAEFSEVRGGGSRKPPNSKDTRPE
DNYLHMNGAELLKIGFEYLPKFTESLWKQCPDITVRDVKYIIPHQPSRVVLDYLSLSYPEEKLIRIIERFGNCIGASMPM
ALYEAVKLRGLQRGDKAVLTGTGSGVSFVGMVFTY
;
_entity_poly.pdbx_strand_id   A,B
#
loop_
_chem_comp.id
_chem_comp.type
_chem_comp.name
_chem_comp.formula
CL non-polymer 'CHLORIDE ION' 'Cl -1'
MPD non-polymer (4S)-2-METHYL-2,4-PENTANEDIOL 'C6 H14 O2'
NA non-polymer 'SODIUM ION' 'Na 1'
PO4 non-polymer 'PHOSPHATE ION' 'O4 P -3'
#
# COMPACT_ATOMS: atom_id res chain seq x y z
N SER A 24 22.25 -1.55 16.02
CA SER A 24 20.86 -2.03 16.05
C SER A 24 19.87 -0.88 16.09
N LEU A 25 18.65 -1.15 15.66
CA LEU A 25 17.61 -0.14 15.59
C LEU A 25 16.59 -0.35 16.72
N PRO A 26 16.42 0.66 17.61
CA PRO A 26 15.42 0.53 18.68
C PRO A 26 14.04 0.24 18.14
N PHE A 27 13.36 -0.74 18.69
CA PHE A 27 12.10 -1.19 18.12
C PHE A 27 11.45 -2.15 19.07
N LYS A 28 10.24 -1.84 19.50
CA LYS A 28 9.54 -2.70 20.43
C LYS A 28 8.15 -3.11 19.94
N LEU A 29 7.91 -4.42 19.97
CA LEU A 29 6.60 -5.00 19.76
C LEU A 29 5.87 -4.92 21.11
N ALA A 30 5.08 -3.87 21.29
CA ALA A 30 4.49 -3.54 22.59
C ALA A 30 3.24 -4.38 22.91
N GLY A 31 2.54 -4.82 21.89
CA GLY A 31 1.35 -5.61 22.07
C GLY A 31 0.98 -6.36 20.81
N LEU A 32 0.34 -7.51 20.97
CA LEU A 32 -0.07 -8.39 19.86
C LEU A 32 -1.51 -8.79 20.01
N GLY A 33 -2.19 -9.00 18.89
CA GLY A 33 -3.56 -9.40 18.86
C GLY A 33 -3.88 -10.31 17.68
N ARG A 34 -4.99 -11.03 17.78
CA ARG A 34 -5.43 -11.94 16.72
C ARG A 34 -6.94 -11.95 16.61
N TYR A 35 -7.43 -12.38 15.44
CA TYR A 35 -8.81 -12.78 15.28
C TYR A 35 -8.90 -14.05 14.45
N VAL A 36 -9.60 -15.03 15.00
CA VAL A 36 -9.76 -16.36 14.43
C VAL A 36 -11.25 -16.54 14.14
N PRO A 37 -11.64 -16.67 12.86
CA PRO A 37 -13.07 -16.91 12.59
C PRO A 37 -13.57 -18.21 13.26
N GLU A 38 -14.84 -18.24 13.64
CA GLU A 38 -15.40 -19.36 14.40
C GLU A 38 -15.41 -20.70 13.68
N ASP A 39 -15.76 -20.69 12.40
CA ASP A 39 -15.95 -21.94 11.65
C ASP A 39 -14.67 -22.67 11.30
N ILE A 40 -14.50 -23.85 11.88
CA ILE A 40 -13.40 -24.75 11.56
C ILE A 40 -13.81 -25.59 10.36
N VAL A 41 -13.04 -25.49 9.29
CA VAL A 41 -13.29 -26.22 8.07
C VAL A 41 -12.25 -27.33 8.01
N LEU A 42 -12.72 -28.55 8.28
CA LEU A 42 -11.84 -29.69 8.35
C LEU A 42 -11.45 -30.11 6.95
N SER A 43 -10.18 -30.44 6.79
CA SER A 43 -9.71 -31.00 5.54
C SER A 43 -10.48 -32.25 5.15
N SER A 44 -10.83 -33.06 6.15
CA SER A 44 -11.61 -34.28 5.90
C SER A 44 -12.94 -33.98 5.22
N GLU A 45 -13.56 -32.86 5.58
CA GLU A 45 -14.80 -32.43 4.93
C GLU A 45 -14.58 -31.98 3.50
N LEU A 46 -13.51 -31.22 3.25
CA LEU A 46 -13.21 -30.78 1.89
C LEU A 46 -12.90 -31.98 1.02
N GLU A 47 -12.22 -32.97 1.59
CA GLU A 47 -11.88 -34.17 0.84
C GLU A 47 -13.14 -34.97 0.50
N LYS A 48 -14.07 -35.06 1.44
CA LYS A 48 -15.34 -35.74 1.17
C LYS A 48 -16.15 -35.02 0.09
N LYS A 49 -16.32 -33.71 0.22
CA LYS A 49 -17.16 -33.01 -0.73
C LYS A 49 -16.57 -32.93 -2.14
N TYR A 50 -15.25 -32.83 -2.25
CA TYR A 50 -14.62 -32.57 -3.54
C TYR A 50 -13.85 -33.76 -4.10
N ASP A 51 -14.13 -34.94 -3.55
CA ASP A 51 -13.64 -36.21 -4.09
C ASP A 51 -12.11 -36.28 -4.08
N LEU A 52 -11.54 -35.89 -2.95
CA LEU A 52 -10.09 -35.97 -2.74
C LEU A 52 -9.79 -37.17 -1.83
N PRO A 53 -8.61 -37.81 -2.02
CA PRO A 53 -8.30 -38.91 -1.11
C PRO A 53 -8.30 -38.47 0.34
N GLN A 54 -8.74 -39.33 1.24
CA GLN A 54 -8.66 -39.03 2.66
C GLN A 54 -7.19 -38.82 3.06
N GLY A 55 -6.93 -37.72 3.75
CA GLY A 55 -5.60 -37.35 4.18
C GLY A 55 -4.79 -36.57 3.17
N TRP A 56 -5.41 -36.23 2.04
CA TRP A 56 -4.69 -35.57 0.96
C TRP A 56 -4.18 -34.20 1.40
N CYS A 57 -5.03 -33.43 2.08
CA CYS A 57 -4.64 -32.07 2.47
C CYS A 57 -3.47 -32.07 3.44
N LEU A 58 -3.50 -32.99 4.41
CA LEU A 58 -2.44 -33.04 5.41
C LEU A 58 -1.12 -33.49 4.80
N GLU A 59 -1.17 -34.47 3.91
CA GLU A 59 0.06 -34.93 3.28
C GLU A 59 0.61 -33.91 2.29
N LYS A 60 -0.24 -33.38 1.42
CA LYS A 60 0.21 -32.54 0.32
C LYS A 60 0.36 -31.09 0.71
N GLN A 61 -0.53 -30.60 1.58
CA GLN A 61 -0.54 -29.20 1.96
C GLN A 61 -0.05 -28.92 3.40
N GLY A 62 0.00 -29.96 4.23
CA GLY A 62 0.30 -29.80 5.65
C GLY A 62 -0.85 -29.22 6.45
N ILE A 63 -2.07 -29.30 5.93
CA ILE A 63 -3.21 -28.63 6.53
C ILE A 63 -4.28 -29.60 6.99
N ARG A 64 -4.56 -29.58 8.29
CA ARG A 64 -5.59 -30.40 8.92
C ARG A 64 -6.94 -29.68 8.99
N GLU A 65 -6.89 -28.36 9.13
CA GLU A 65 -8.07 -27.53 9.24
C GLU A 65 -7.70 -26.07 8.93
N ARG A 66 -8.71 -25.28 8.61
CA ARG A 66 -8.51 -23.83 8.44
C ARG A 66 -9.80 -23.17 8.88
N ARG A 67 -9.78 -21.85 9.05
CA ARG A 67 -10.94 -21.09 9.46
C ARG A 67 -11.44 -20.27 8.27
N TRP A 68 -12.76 -20.30 8.06
CA TRP A 68 -13.42 -19.50 7.04
C TRP A 68 -14.45 -18.59 7.69
N VAL A 69 -14.46 -17.33 7.25
CA VAL A 69 -15.41 -16.37 7.79
C VAL A 69 -16.85 -16.73 7.45
N LYS A 70 -17.76 -16.21 8.26
CA LYS A 70 -19.19 -16.18 7.94
C LYS A 70 -19.59 -14.78 7.46
N GLY A 71 -19.97 -13.92 8.39
CA GLY A 71 -20.39 -12.57 8.02
C GLY A 71 -19.31 -11.49 7.98
N GLU A 72 -18.13 -11.78 8.53
CA GLU A 72 -17.14 -10.74 8.84
C GLU A 72 -16.64 -10.00 7.60
N THR A 73 -16.38 -8.71 7.76
CA THR A 73 -15.53 -7.99 6.82
C THR A 73 -14.09 -8.07 7.33
N ALA A 74 -13.16 -7.79 6.43
CA ALA A 74 -11.75 -7.71 6.79
C ALA A 74 -11.50 -6.63 7.85
N ALA A 75 -12.23 -5.52 7.75
CA ALA A 75 -12.11 -4.43 8.73
C ALA A 75 -12.56 -4.89 10.10
N PHE A 76 -13.66 -5.64 10.15
CA PHE A 76 -14.11 -6.21 11.41
C PHE A 76 -13.02 -7.09 12.06
N MET A 77 -12.45 -8.01 11.28
CA MET A 77 -11.43 -8.93 11.80
CA MET A 77 -11.43 -8.93 11.81
C MET A 77 -10.22 -8.15 12.29
N GLY A 78 -9.78 -7.17 11.50
CA GLY A 78 -8.63 -6.37 11.84
C GLY A 78 -8.88 -5.59 13.11
N ALA A 79 -10.08 -5.05 13.24
CA ALA A 79 -10.42 -4.28 14.42
C ALA A 79 -10.41 -5.14 15.68
N GLU A 80 -10.91 -6.37 15.58
CA GLU A 80 -10.87 -7.26 16.74
C GLU A 80 -9.42 -7.57 17.14
N ALA A 81 -8.57 -7.87 16.18
CA ALA A 81 -7.16 -8.11 16.47
C ALA A 81 -6.48 -6.87 17.04
N ALA A 82 -6.81 -5.71 16.50
CA ALA A 82 -6.22 -4.47 16.93
C ALA A 82 -6.59 -4.14 18.37
N LYS A 83 -7.86 -4.33 18.70
CA LYS A 83 -8.32 -4.07 20.05
C LYS A 83 -7.51 -4.91 21.03
N GLU A 84 -7.25 -6.17 20.66
CA GLU A 84 -6.48 -7.02 21.55
C GLU A 84 -5.06 -6.50 21.64
N ALA A 85 -4.47 -6.11 20.51
CA ALA A 85 -3.09 -5.63 20.53
C ALA A 85 -2.91 -4.33 21.35
N VAL A 86 -3.87 -3.42 21.21
CA VAL A 86 -3.85 -2.16 21.94
C VAL A 86 -4.00 -2.42 23.45
N ARG A 87 -4.95 -3.26 23.85
CA ARG A 87 -5.08 -3.71 25.25
C ARG A 87 -3.80 -4.35 25.78
N ASP A 88 -3.23 -5.22 24.96
CA ASP A 88 -2.01 -5.93 25.31
C ASP A 88 -0.84 -4.96 25.57
N ALA A 89 -0.82 -3.84 24.83
CA ALA A 89 0.23 -2.84 24.93
C ALA A 89 -0.01 -1.87 26.12
N GLY A 90 -1.13 -2.03 26.81
CA GLY A 90 -1.44 -1.20 27.97
C GLY A 90 -2.01 0.16 27.56
N LEU A 91 -2.51 0.23 26.34
CA LEU A 91 -2.96 1.47 25.73
C LEU A 91 -4.48 1.53 25.58
N GLN A 92 -4.96 2.74 25.28
CA GLN A 92 -6.30 2.94 24.76
C GLN A 92 -6.22 3.22 23.27
N LEU A 93 -7.34 3.02 22.59
CA LEU A 93 -7.37 3.27 21.15
C LEU A 93 -7.03 4.72 20.84
N SER A 94 -7.37 5.62 21.75
CA SER A 94 -7.09 7.04 21.58
C SER A 94 -5.58 7.37 21.64
N ASP A 95 -4.78 6.42 22.10
CA ASP A 95 -3.33 6.60 22.20
C ASP A 95 -2.57 6.30 20.91
N ILE A 96 -3.21 5.57 20.00
CA ILE A 96 -2.59 5.20 18.72
C ILE A 96 -2.45 6.46 17.88
N ASP A 97 -1.25 6.73 17.34
CA ASP A 97 -1.09 7.97 16.56
C ASP A 97 -0.89 7.73 15.08
N LEU A 98 -0.76 6.47 14.68
CA LEU A 98 -0.75 6.09 13.27
C LEU A 98 -1.25 4.66 13.13
N ILE A 99 -2.13 4.42 12.14
CA ILE A 99 -2.59 3.08 11.78
C ILE A 99 -2.02 2.70 10.41
N ILE A 100 -1.41 1.53 10.32
CA ILE A 100 -0.96 0.99 9.03
C ILE A 100 -1.65 -0.36 8.79
N SER A 101 -2.53 -0.38 7.80
CA SER A 101 -3.17 -1.61 7.37
C SER A 101 -2.18 -2.35 6.47
N ALA A 102 -2.05 -3.65 6.69
CA ALA A 102 -0.98 -4.42 6.07
C ALA A 102 -1.46 -5.82 5.72
N SER A 103 -2.52 -5.88 4.93
CA SER A 103 -3.14 -7.12 4.47
CA SER A 103 -3.08 -7.15 4.51
C SER A 103 -2.53 -7.57 3.17
N GLY A 104 -2.68 -8.84 2.85
CA GLY A 104 -2.21 -9.34 1.57
C GLY A 104 -3.25 -9.21 0.45
N SER A 105 -4.46 -8.81 0.83
CA SER A 105 -5.58 -8.64 -0.12
C SER A 105 -6.43 -7.50 0.41
N PRO A 106 -7.08 -6.75 -0.49
CA PRO A 106 -7.93 -5.65 -0.04
C PRO A 106 -9.36 -6.07 0.26
N GLN A 107 -9.98 -5.36 1.18
CA GLN A 107 -11.40 -5.52 1.41
C GLN A 107 -12.20 -5.04 0.20
N GLN A 108 -11.79 -3.91 -0.34
CA GLN A 108 -12.46 -3.26 -1.46
C GLN A 108 -11.52 -2.27 -2.11
N ALA A 109 -11.89 -1.74 -3.27
CA ALA A 109 -10.98 -0.87 -4.02
C ALA A 109 -10.76 0.49 -3.38
N VAL A 110 -11.84 1.09 -2.87
CA VAL A 110 -11.80 2.45 -2.34
C VAL A 110 -12.73 2.52 -1.14
N PRO A 111 -12.25 3.09 -0.01
CA PRO A 111 -10.90 3.51 0.32
C PRO A 111 -10.04 2.32 0.70
N ASP A 112 -8.81 2.57 1.12
CA ASP A 112 -7.90 1.48 1.49
C ASP A 112 -8.24 0.95 2.88
N GLY A 113 -7.54 -0.12 3.27
CA GLY A 113 -7.78 -0.75 4.56
C GLY A 113 -7.59 0.09 5.82
N GLY A 114 -6.76 1.13 5.75
CA GLY A 114 -6.47 1.92 6.93
C GLY A 114 -7.67 2.71 7.41
N PRO A 115 -8.23 3.56 6.57
CA PRO A 115 -9.45 4.27 7.00
C PRO A 115 -10.61 3.34 7.38
N LEU A 116 -10.72 2.19 6.72
CA LEU A 116 -11.79 1.24 7.02
C LEU A 116 -11.62 0.65 8.42
N VAL A 117 -10.40 0.27 8.81
CA VAL A 117 -10.22 -0.29 10.17
C VAL A 117 -10.27 0.83 11.21
N GLN A 118 -9.86 2.04 10.83
CA GLN A 118 -9.96 3.19 11.71
C GLN A 118 -11.44 3.41 12.06
N ARG A 119 -12.30 3.41 11.04
CA ARG A 119 -13.73 3.56 11.26
C ARG A 119 -14.27 2.41 12.12
N GLU A 120 -13.80 1.19 11.86
CA GLU A 120 -14.35 0.02 12.53
C GLU A 120 -14.03 0.07 14.04
N LEU A 121 -12.89 0.67 14.36
CA LEU A 121 -12.40 0.80 15.74
C LEU A 121 -13.06 1.92 16.52
N GLY A 122 -13.98 2.65 15.88
CA GLY A 122 -14.62 3.78 16.51
C GLY A 122 -13.79 5.04 16.50
N LEU A 123 -12.73 5.05 15.69
CA LEU A 123 -11.84 6.19 15.58
C LEU A 123 -12.10 7.04 14.33
N GLY A 124 -13.25 6.85 13.70
CA GLY A 124 -13.59 7.49 12.44
C GLY A 124 -13.61 9.00 12.44
N ARG A 125 -13.77 9.60 13.62
CA ARG A 125 -13.74 11.07 13.74
C ARG A 125 -12.49 11.55 14.50
N SER A 126 -11.51 10.66 14.70
CA SER A 126 -10.34 10.99 15.52
C SER A 126 -9.28 11.80 14.80
N GLY A 127 -9.24 11.69 13.47
CA GLY A 127 -8.17 12.31 12.71
C GLY A 127 -6.91 11.46 12.63
N THR A 128 -6.84 10.41 13.43
CA THR A 128 -5.65 9.56 13.47
C THR A 128 -5.31 9.03 12.08
N PRO A 129 -4.11 9.39 11.58
CA PRO A 129 -3.78 8.94 10.23
C PRO A 129 -3.80 7.43 10.08
N ALA A 130 -4.34 6.98 8.95
CA ALA A 130 -4.54 5.56 8.70
C ALA A 130 -4.28 5.32 7.22
N ILE A 131 -3.29 4.47 6.95
CA ILE A 131 -2.76 4.24 5.61
C ILE A 131 -2.54 2.73 5.38
N THR A 132 -2.17 2.36 4.14
CA THR A 132 -1.87 0.96 3.82
C THR A 132 -0.47 0.83 3.27
N VAL A 133 0.22 -0.22 3.73
CA VAL A 133 1.49 -0.64 3.15
C VAL A 133 1.22 -2.02 2.52
N ASN A 134 1.59 -2.17 1.25
CA ASN A 134 1.28 -3.36 0.47
C ASN A 134 2.54 -3.95 -0.16
N ALA A 135 2.90 -5.14 0.30
CA ALA A 135 3.92 -5.96 -0.35
C ALA A 135 3.35 -7.37 -0.47
N SER A 136 2.12 -7.43 -1.01
CA SER A 136 1.30 -8.64 -1.10
C SER A 136 1.32 -9.35 0.23
N CSD A 137 1.68 -10.63 0.27
CA CSD A 137 1.51 -11.38 1.50
CB CSD A 137 1.32 -12.87 1.32
SG CSD A 137 2.41 -13.57 0.25
C CSD A 137 2.56 -11.05 2.55
O CSD A 137 2.44 -11.45 3.71
OD1 CSD A 137 2.31 -13.02 -1.06
OD2 CSD A 137 2.19 -14.98 0.31
N LEU A 138 3.58 -10.27 2.17
CA LEU A 138 4.62 -9.82 3.09
C LEU A 138 4.38 -8.37 3.59
N SER A 139 3.16 -7.90 3.44
CA SER A 139 2.81 -6.55 3.90
C SER A 139 3.13 -6.29 5.36
N PHE A 140 2.89 -7.26 6.22
CA PHE A 140 3.10 -7.06 7.67
C PHE A 140 4.56 -6.73 7.94
N PHE A 141 5.46 -7.46 7.29
CA PHE A 141 6.88 -7.23 7.47
C PHE A 141 7.26 -5.82 7.04
N VAL A 142 6.81 -5.44 5.86
CA VAL A 142 7.20 -4.15 5.32
C VAL A 142 6.55 -3.03 6.15
N ALA A 143 5.34 -3.26 6.67
CA ALA A 143 4.71 -2.29 7.55
C ALA A 143 5.48 -2.12 8.85
N LEU A 144 6.01 -3.20 9.39
CA LEU A 144 6.85 -3.08 10.57
C LEU A 144 8.06 -2.19 10.29
N GLU A 145 8.66 -2.36 9.12
CA GLU A 145 9.82 -1.58 8.72
C GLU A 145 9.49 -0.09 8.62
N VAL A 146 8.42 0.20 7.91
CA VAL A 146 7.94 1.58 7.74
C VAL A 146 7.65 2.19 9.12
N ALA A 147 7.01 1.42 9.99
CA ALA A 147 6.72 1.87 11.34
C ALA A 147 8.03 2.13 12.11
N SER A 148 9.00 1.23 12.01
CA SER A 148 10.29 1.42 12.69
C SER A 148 10.94 2.75 12.31
N ASN A 149 10.84 3.13 11.04
CA ASN A 149 11.41 4.42 10.62
C ASN A 149 10.63 5.62 11.15
N TYR A 150 9.30 5.55 11.13
CA TYR A 150 8.50 6.62 11.75
C TYR A 150 8.84 6.75 13.24
N LEU A 151 9.03 5.63 13.91
CA LEU A 151 9.33 5.66 15.33
C LEU A 151 10.67 6.31 15.60
N ASN A 152 11.70 5.92 14.85
CA ASN A 152 13.03 6.40 15.15
C ASN A 152 13.28 7.82 14.65
N MET A 153 12.44 8.27 13.72
CA MET A 153 12.42 9.67 13.29
C MET A 153 11.58 10.54 14.24
N ARG A 154 10.93 9.93 15.21
CA ARG A 154 10.15 10.61 16.24
C ARG A 154 8.93 11.30 15.65
N ARG A 155 8.43 10.78 14.53
CA ARG A 155 7.24 11.32 13.89
C ARG A 155 5.97 10.85 14.62
N TYR A 156 5.95 9.57 14.97
CA TYR A 156 4.85 8.94 15.68
C TYR A 156 5.44 8.10 16.80
N ARG A 157 4.63 7.81 17.82
CA ARG A 157 5.10 7.09 19.01
C ARG A 157 4.46 5.73 19.24
N ARG A 158 3.23 5.56 18.78
CA ARG A 158 2.42 4.36 19.06
C ARG A 158 1.67 3.94 17.81
N ILE A 159 2.24 3.00 17.06
CA ILE A 159 1.76 2.68 15.73
C ILE A 159 1.11 1.32 15.70
N LEU A 160 -0.12 1.29 15.22
CA LEU A 160 -0.86 0.04 15.07
C LEU A 160 -0.66 -0.52 13.67
N VAL A 161 -0.21 -1.77 13.59
CA VAL A 161 -0.10 -2.49 12.32
C VAL A 161 -1.08 -3.64 12.30
N VAL A 162 -1.96 -3.67 11.30
CA VAL A 162 -3.09 -4.61 11.27
C VAL A 162 -3.11 -5.39 9.96
N SER A 163 -3.08 -6.72 10.03
CA SER A 163 -3.15 -7.58 8.87
C SER A 163 -4.37 -8.49 8.93
N ALA A 164 -5.35 -8.23 8.07
CA ALA A 164 -6.56 -9.03 8.04
C ALA A 164 -6.85 -9.48 6.61
N ASP A 165 -7.02 -10.79 6.40
CA ASP A 165 -7.27 -11.33 5.08
C ASP A 165 -8.40 -12.34 5.04
N ILE A 166 -9.24 -12.21 4.02
CA ILE A 166 -10.29 -13.18 3.71
C ILE A 166 -9.99 -13.74 2.34
N ALA A 167 -9.37 -14.91 2.34
CA ALA A 167 -9.01 -15.61 1.12
C ALA A 167 -10.12 -16.51 0.63
N SER A 168 -10.94 -17.01 1.55
CA SER A 168 -11.90 -18.06 1.24
C SER A 168 -12.91 -17.65 0.14
N VAL A 169 -13.17 -16.35 -0.01
CA VAL A 169 -14.17 -15.92 -0.98
C VAL A 169 -13.62 -15.86 -2.41
N SER A 170 -12.31 -16.07 -2.55
CA SER A 170 -11.63 -16.02 -3.85
C SER A 170 -11.09 -17.37 -4.32
N LEU A 171 -11.52 -18.46 -3.68
CA LEU A 171 -10.96 -19.77 -4.03
C LEU A 171 -11.44 -20.31 -5.38
N ASP A 172 -10.57 -21.05 -6.04
CA ASP A 172 -10.84 -21.72 -7.30
C ASP A 172 -11.19 -23.19 -7.03
N PHE A 173 -12.47 -23.52 -6.98
CA PHE A 173 -12.86 -24.89 -6.63
C PHE A 173 -12.70 -25.90 -7.78
N ARG A 174 -12.07 -25.46 -8.87
CA ARG A 174 -11.59 -26.38 -9.92
C ARG A 174 -10.27 -27.03 -9.53
N LYS A 175 -9.52 -26.36 -8.65
CA LYS A 175 -8.12 -26.70 -8.38
C LYS A 175 -7.89 -27.02 -6.89
N PRO A 176 -7.80 -28.32 -6.52
CA PRO A 176 -7.56 -28.68 -5.12
C PRO A 176 -6.32 -28.04 -4.54
N GLU A 177 -5.29 -27.81 -5.34
CA GLU A 177 -4.08 -27.14 -4.84
C GLU A 177 -4.39 -25.70 -4.37
N ASN A 178 -5.43 -25.12 -4.94
CA ASN A 178 -5.90 -23.79 -4.54
C ASN A 178 -6.88 -23.86 -3.36
N PHE A 179 -8.02 -24.52 -3.55
CA PHE A 179 -9.13 -24.33 -2.62
C PHE A 179 -8.91 -25.00 -1.26
N THR A 180 -7.96 -25.92 -1.17
CA THR A 180 -7.60 -26.51 0.12
C THR A 180 -6.48 -25.77 0.83
N LEU A 181 -5.91 -24.74 0.19
CA LEU A 181 -4.70 -24.12 0.71
C LEU A 181 -5.00 -22.99 1.67
N PHE A 182 -6.09 -22.26 1.42
CA PHE A 182 -6.23 -20.94 2.03
C PHE A 182 -7.23 -20.90 3.15
N GLY A 183 -6.95 -20.07 4.14
CA GLY A 183 -7.88 -19.78 5.22
C GLY A 183 -7.91 -18.30 5.50
N ASP A 184 -8.72 -17.93 6.48
CA ASP A 184 -8.99 -16.52 6.79
C ASP A 184 -8.51 -16.24 8.21
N ALA A 185 -8.01 -15.03 8.47
CA ALA A 185 -7.44 -14.71 9.78
C ALA A 185 -7.04 -13.25 9.84
N ALA A 186 -6.87 -12.73 11.06
CA ALA A 186 -6.27 -11.43 11.24
C ALA A 186 -5.32 -11.44 12.42
N ALA A 187 -4.29 -10.62 12.34
CA ALA A 187 -3.43 -10.40 13.47
C ALA A 187 -2.87 -8.99 13.41
N ALA A 188 -2.43 -8.51 14.56
CA ALA A 188 -2.02 -7.13 14.69
C ALA A 188 -0.91 -6.94 15.69
N ALA A 189 -0.15 -5.87 15.50
CA ALA A 189 0.84 -5.44 16.49
C ALA A 189 0.76 -3.94 16.78
N VAL A 190 1.07 -3.56 18.01
CA VAL A 190 1.38 -2.18 18.34
C VAL A 190 2.87 -2.08 18.55
N VAL A 191 3.49 -1.13 17.86
CA VAL A 191 4.92 -0.95 17.98
C VAL A 191 5.26 0.44 18.49
N THR A 192 6.31 0.49 19.31
CA THR A 192 6.74 1.71 19.98
C THR A 192 8.25 1.71 20.07
N LEU A 193 8.85 2.84 20.47
CA LEU A 193 10.26 2.84 20.83
C LEU A 193 10.37 2.16 22.20
N PRO A 194 11.46 1.44 22.44
CA PRO A 194 11.66 0.89 23.78
C PRO A 194 11.94 1.99 24.80
N GLU A 195 11.63 1.73 26.06
CA GLU A 195 12.00 2.63 27.14
C GLU A 195 13.49 2.48 27.44
N PRO A 196 14.10 3.51 28.05
CA PRO A 196 15.52 3.40 28.40
C PRO A 196 15.80 2.13 29.19
N GLY A 197 16.86 1.42 28.82
CA GLY A 197 17.19 0.16 29.46
C GLY A 197 16.61 -1.06 28.76
N GLU A 198 15.47 -0.93 28.08
CA GLU A 198 14.87 -2.06 27.37
C GLU A 198 15.68 -2.43 26.13
N LYS A 199 15.85 -3.73 25.91
CA LYS A 199 16.76 -4.22 24.89
C LYS A 199 16.12 -4.47 23.53
N SER A 200 14.81 -4.30 23.43
CA SER A 200 14.10 -4.56 22.18
C SER A 200 14.70 -3.78 21.02
N CYS A 201 15.04 -4.49 19.95
CA CYS A 201 15.69 -3.87 18.80
C CYS A 201 15.72 -4.79 17.59
N ILE A 202 15.99 -4.18 16.44
CA ILE A 202 16.21 -4.94 15.21
C ILE A 202 17.72 -4.96 14.95
N HIS A 203 18.27 -6.16 14.80
CA HIS A 203 19.72 -6.32 14.56
C HIS A 203 20.09 -6.36 13.08
N ALA A 204 19.15 -6.81 12.26
CA ALA A 204 19.39 -7.05 10.84
C ALA A 204 18.06 -7.09 10.14
N SER A 205 18.01 -6.56 8.93
CA SER A 205 16.77 -6.58 8.16
C SER A 205 17.12 -6.48 6.70
N HIS A 206 16.41 -7.25 5.89
CA HIS A 206 16.70 -7.32 4.48
C HIS A 206 15.44 -7.63 3.68
N LEU A 207 15.32 -6.97 2.54
CA LEU A 207 14.23 -7.15 1.60
C LEU A 207 14.77 -7.09 0.20
N ARG A 208 14.43 -8.11 -0.60
CA ARG A 208 14.81 -8.16 -2.01
C ARG A 208 13.59 -8.47 -2.84
N THR A 209 13.49 -7.88 -4.02
CA THR A 209 12.37 -8.14 -4.92
C THR A 209 12.87 -8.60 -6.26
N TYR A 210 12.25 -9.68 -6.76
CA TYR A 210 12.57 -10.28 -8.06
C TYR A 210 11.29 -10.29 -8.90
N GLY A 211 10.96 -9.12 -9.45
CA GLY A 211 9.77 -8.89 -10.26
C GLY A 211 9.69 -9.71 -11.52
N PHE A 212 10.79 -10.29 -11.97
CA PHE A 212 10.72 -11.22 -13.10
C PHE A 212 9.80 -12.39 -12.73
N GLY A 213 9.61 -12.58 -11.43
CA GLY A 213 8.73 -13.62 -10.93
C GLY A 213 7.26 -13.21 -10.77
N ALA A 214 6.89 -12.01 -11.22
CA ALA A 214 5.50 -11.55 -11.05
C ALA A 214 4.48 -12.52 -11.65
N GLU A 215 4.78 -13.06 -12.83
CA GLU A 215 3.82 -13.91 -13.51
C GLU A 215 3.68 -15.30 -12.86
N PHE A 216 4.62 -15.69 -12.01
CA PHE A 216 4.58 -17.02 -11.39
C PHE A 216 3.68 -17.11 -10.16
N SER A 217 3.14 -15.97 -9.72
CA SER A 217 2.13 -15.95 -8.67
C SER A 217 1.34 -14.67 -8.89
N GLU A 218 0.19 -14.79 -9.54
CA GLU A 218 -0.47 -13.63 -10.13
C GLU A 218 -1.98 -13.78 -10.14
N VAL A 219 -2.66 -12.65 -9.93
CA VAL A 219 -4.08 -12.53 -10.19
C VAL A 219 -4.20 -11.36 -11.15
N ARG A 220 -4.65 -11.63 -12.38
CA ARG A 220 -4.67 -10.62 -13.42
C ARG A 220 -5.83 -9.63 -13.31
N GLY A 221 -6.90 -10.06 -12.63
CA GLY A 221 -8.05 -9.21 -12.39
C GLY A 221 -7.86 -8.31 -11.19
N GLY A 222 -8.90 -7.57 -10.85
CA GLY A 222 -8.87 -6.76 -9.66
C GLY A 222 -8.35 -5.34 -9.86
N GLY A 223 -8.27 -4.92 -11.12
CA GLY A 223 -7.74 -3.59 -11.41
C GLY A 223 -8.00 -3.16 -12.83
N SER A 224 -7.16 -2.26 -13.34
CA SER A 224 -7.39 -1.70 -14.66
C SER A 224 -7.03 -2.65 -15.81
N ARG A 225 -6.17 -3.63 -15.55
CA ARG A 225 -5.72 -4.52 -16.62
C ARG A 225 -6.86 -5.42 -17.09
N LYS A 226 -7.61 -5.98 -16.14
CA LYS A 226 -8.76 -6.82 -16.44
C LYS A 226 -9.92 -6.38 -15.56
N PRO A 227 -10.53 -5.24 -15.91
CA PRO A 227 -11.57 -4.72 -15.01
C PRO A 227 -12.75 -5.69 -14.85
N PRO A 228 -13.33 -5.77 -13.64
CA PRO A 228 -14.39 -6.74 -13.35
C PRO A 228 -15.58 -6.70 -14.31
N ASN A 229 -16.03 -5.51 -14.70
CA ASN A 229 -17.20 -5.40 -15.55
C ASN A 229 -16.91 -5.49 -17.05
N SER A 230 -15.64 -5.60 -17.43
CA SER A 230 -15.30 -5.67 -18.85
C SER A 230 -15.71 -7.01 -19.44
N LYS A 231 -16.23 -6.98 -20.67
CA LYS A 231 -16.65 -8.19 -21.35
C LYS A 231 -15.48 -9.06 -21.79
N ASP A 232 -14.27 -8.50 -21.79
CA ASP A 232 -13.07 -9.25 -22.14
C ASP A 232 -12.39 -9.86 -20.93
N THR A 233 -12.91 -9.57 -19.74
CA THR A 233 -12.44 -10.20 -18.52
C THR A 233 -13.16 -11.53 -18.33
N ARG A 234 -12.39 -12.57 -18.03
CA ARG A 234 -12.90 -13.91 -17.81
C ARG A 234 -12.84 -14.26 -16.32
N PRO A 235 -13.70 -15.19 -15.87
CA PRO A 235 -13.67 -15.57 -14.46
C PRO A 235 -12.27 -16.01 -14.00
N GLU A 236 -11.55 -16.69 -14.89
CA GLU A 236 -10.21 -17.17 -14.59
C GLU A 236 -9.25 -16.04 -14.22
N ASP A 237 -9.48 -14.85 -14.77
CA ASP A 237 -8.60 -13.73 -14.48
C ASP A 237 -8.63 -13.33 -13.00
N ASN A 238 -9.71 -13.71 -12.31
CA ASN A 238 -9.87 -13.33 -10.90
C ASN A 238 -9.45 -14.41 -9.91
N TYR A 239 -8.90 -15.51 -10.44
CA TYR A 239 -8.29 -16.55 -9.61
C TYR A 239 -6.76 -16.45 -9.62
N LEU A 240 -6.15 -16.92 -8.53
CA LEU A 240 -4.70 -16.99 -8.43
C LEU A 240 -4.17 -18.06 -9.36
N HIS A 241 -3.12 -17.70 -10.09
CA HIS A 241 -2.37 -18.67 -10.88
C HIS A 241 -0.94 -18.68 -10.40
N MET A 242 -0.43 -19.89 -10.20
CA MET A 242 0.90 -20.10 -9.71
C MET A 242 1.65 -21.07 -10.57
N ASN A 243 2.93 -20.78 -10.76
CA ASN A 243 3.87 -21.69 -11.38
C ASN A 243 4.93 -22.10 -10.35
N GLY A 244 4.68 -23.22 -9.68
CA GLY A 244 5.50 -23.62 -8.55
C GLY A 244 6.94 -23.89 -8.92
N ALA A 245 7.15 -24.46 -10.10
CA ALA A 245 8.48 -24.83 -10.58
C ALA A 245 9.33 -23.58 -10.79
N GLU A 246 8.70 -22.52 -11.32
CA GLU A 246 9.42 -21.30 -11.60
C GLU A 246 9.63 -20.49 -10.31
N LEU A 247 8.67 -20.55 -9.40
CA LEU A 247 8.80 -19.91 -8.08
C LEU A 247 10.00 -20.47 -7.35
N LEU A 248 10.07 -21.80 -7.31
CA LEU A 248 11.20 -22.46 -6.67
C LEU A 248 12.52 -22.04 -7.26
N LYS A 249 12.59 -21.90 -8.58
CA LYS A 249 13.83 -21.46 -9.22
C LYS A 249 14.32 -20.11 -8.72
N ILE A 250 13.39 -19.24 -8.31
CA ILE A 250 13.80 -17.94 -7.80
C ILE A 250 14.57 -18.16 -6.51
N GLY A 251 14.08 -19.06 -5.68
CA GLY A 251 14.81 -19.44 -4.48
C GLY A 251 16.15 -20.10 -4.79
N PHE A 252 16.18 -21.00 -5.78
CA PHE A 252 17.41 -21.70 -6.09
C PHE A 252 18.47 -20.71 -6.53
N GLU A 253 18.04 -19.62 -7.16
CA GLU A 253 18.98 -18.67 -7.72
C GLU A 253 19.41 -17.59 -6.75
N TYR A 254 18.51 -17.17 -5.87
CA TYR A 254 18.71 -15.98 -5.08
C TYR A 254 18.64 -16.13 -3.56
N LEU A 255 18.12 -17.24 -3.06
CA LEU A 255 17.96 -17.35 -1.61
C LEU A 255 19.30 -17.41 -0.83
N PRO A 256 20.29 -18.20 -1.32
CA PRO A 256 21.53 -18.24 -0.54
C PRO A 256 22.20 -16.87 -0.37
N LYS A 257 22.20 -16.07 -1.44
CA LYS A 257 22.68 -14.70 -1.38
C LYS A 257 21.86 -13.86 -0.39
N PHE A 258 20.54 -13.99 -0.44
CA PHE A 258 19.67 -13.28 0.50
C PHE A 258 20.03 -13.58 1.95
N THR A 259 20.14 -14.87 2.26
CA THR A 259 20.43 -15.31 3.61
C THR A 259 21.76 -14.77 4.09
N GLU A 260 22.77 -14.84 3.23
CA GLU A 260 24.08 -14.33 3.57
C GLU A 260 24.04 -12.81 3.82
N SER A 261 23.37 -12.10 2.92
CA SER A 261 23.26 -10.65 3.05
C SER A 261 22.57 -10.23 4.36
N LEU A 262 21.56 -11.00 4.77
CA LEU A 262 20.87 -10.71 6.03
C LEU A 262 21.79 -10.91 7.22
N TRP A 263 22.43 -12.08 7.31
CA TRP A 263 23.16 -12.41 8.52
C TRP A 263 24.48 -11.65 8.61
N LYS A 264 24.99 -11.18 7.47
CA LYS A 264 26.22 -10.38 7.47
C LYS A 264 26.04 -9.06 8.21
N GLN A 265 24.79 -8.64 8.42
CA GLN A 265 24.52 -7.39 9.10
C GLN A 265 24.75 -7.47 10.61
N CYS A 266 24.74 -8.69 11.14
CA CYS A 266 24.87 -8.91 12.58
C CYS A 266 25.82 -10.09 12.84
N PRO A 267 27.12 -9.87 12.59
CA PRO A 267 28.19 -10.89 12.72
C PRO A 267 28.25 -11.59 14.07
N ASP A 268 27.87 -10.88 15.14
CA ASP A 268 27.95 -11.43 16.49
C ASP A 268 26.73 -12.25 16.86
N ILE A 269 25.77 -12.35 15.94
CA ILE A 269 24.57 -13.14 16.13
C ILE A 269 24.43 -14.16 15.02
N THR A 270 24.24 -15.42 15.39
CA THR A 270 23.93 -16.46 14.44
C THR A 270 22.62 -17.14 14.82
N VAL A 271 22.18 -18.03 13.96
CA VAL A 271 20.93 -18.73 14.17
C VAL A 271 20.95 -19.48 15.49
N ARG A 272 22.14 -19.89 15.94
CA ARG A 272 22.24 -20.59 17.23
C ARG A 272 21.84 -19.73 18.44
N ASP A 273 21.85 -18.40 18.27
CA ASP A 273 21.50 -17.43 19.32
C ASP A 273 20.01 -17.13 19.37
N VAL A 274 19.31 -17.63 18.36
CA VAL A 274 17.90 -17.32 18.11
C VAL A 274 17.02 -18.40 18.74
N LYS A 275 16.02 -17.96 19.50
CA LYS A 275 15.08 -18.90 20.10
C LYS A 275 14.09 -19.40 19.06
N TYR A 276 13.52 -18.48 18.26
CA TYR A 276 12.52 -18.88 17.28
C TYR A 276 12.70 -18.27 15.90
N ILE A 277 12.43 -19.11 14.92
CA ILE A 277 12.26 -18.70 13.53
C ILE A 277 10.76 -18.66 13.26
N ILE A 278 10.30 -17.49 12.83
CA ILE A 278 8.88 -17.17 12.72
C ILE A 278 8.57 -16.85 11.26
N PRO A 279 8.15 -17.85 10.50
CA PRO A 279 8.01 -17.64 9.07
C PRO A 279 6.59 -17.39 8.56
N HIS A 280 6.50 -16.55 7.52
CA HIS A 280 5.35 -16.58 6.64
C HIS A 280 5.21 -18.00 6.11
N GLN A 281 4.00 -18.55 6.12
CA GLN A 281 3.72 -19.95 5.85
C GLN A 281 2.66 -20.15 4.80
N PRO A 282 3.02 -19.91 3.54
CA PRO A 282 2.09 -20.02 2.43
C PRO A 282 1.86 -21.46 1.97
N SER A 283 2.74 -22.38 2.36
CA SER A 283 2.53 -23.81 2.09
C SER A 283 3.46 -24.59 3.00
N ARG A 284 3.35 -25.92 2.98
CA ARG A 284 4.21 -26.75 3.82
C ARG A 284 5.66 -26.72 3.35
N VAL A 285 5.88 -26.33 2.10
CA VAL A 285 7.23 -26.29 1.54
C VAL A 285 8.19 -25.45 2.37
N VAL A 286 7.76 -24.27 2.83
CA VAL A 286 8.69 -23.45 3.60
C VAL A 286 9.03 -24.13 4.92
N LEU A 287 8.05 -24.78 5.54
CA LEU A 287 8.28 -25.40 6.83
C LEU A 287 9.15 -26.63 6.64
N ASP A 288 8.93 -27.32 5.53
CA ASP A 288 9.69 -28.53 5.19
C ASP A 288 11.14 -28.17 4.97
N TYR A 289 11.37 -27.10 4.19
CA TYR A 289 12.72 -26.58 4.02
C TYR A 289 13.38 -26.18 5.35
N LEU A 290 12.69 -25.38 6.16
CA LEU A 290 13.24 -24.99 7.45
C LEU A 290 13.50 -26.19 8.37
N SER A 291 12.64 -27.19 8.35
CA SER A 291 12.76 -28.36 9.23
CA SER A 291 12.81 -28.32 9.27
C SER A 291 13.97 -29.22 8.85
N LEU A 292 14.37 -29.20 7.58
CA LEU A 292 15.59 -29.93 7.15
C LEU A 292 16.83 -29.22 7.63
N SER A 293 16.70 -27.92 7.90
CA SER A 293 17.82 -27.02 8.11
C SER A 293 18.04 -26.64 9.57
N TYR A 294 16.96 -26.58 10.33
CA TYR A 294 17.00 -26.02 11.68
C TYR A 294 16.25 -26.92 12.65
N PRO A 295 16.65 -26.87 13.94
CA PRO A 295 15.94 -27.70 14.91
C PRO A 295 14.44 -27.39 14.93
N GLU A 296 13.63 -28.44 14.99
CA GLU A 296 12.17 -28.31 14.96
C GLU A 296 11.65 -27.38 16.06
N GLU A 297 12.30 -27.42 17.20
CA GLU A 297 11.82 -26.68 18.36
C GLU A 297 11.93 -25.16 18.16
N LYS A 298 12.74 -24.76 17.18
CA LYS A 298 12.89 -23.35 16.86
C LYS A 298 11.81 -22.86 15.92
N LEU A 299 11.07 -23.75 15.28
CA LEU A 299 10.11 -23.33 14.28
C LEU A 299 8.74 -23.10 14.86
N ILE A 300 8.11 -22.00 14.44
CA ILE A 300 6.74 -21.68 14.81
C ILE A 300 5.81 -22.05 13.66
N ARG A 301 4.98 -23.06 13.90
CA ARG A 301 4.06 -23.58 12.89
C ARG A 301 2.62 -23.19 13.19
N ILE A 302 1.93 -22.65 12.19
CA ILE A 302 0.50 -22.39 12.29
C ILE A 302 -0.31 -22.93 11.10
N ILE A 303 0.34 -23.31 10.00
CA ILE A 303 -0.36 -23.65 8.77
C ILE A 303 -1.31 -24.85 8.96
N GLU A 304 -0.97 -25.74 9.88
CA GLU A 304 -1.78 -26.94 10.08
C GLU A 304 -3.20 -26.62 10.55
N ARG A 305 -3.37 -25.47 11.20
CA ARG A 305 -4.66 -25.07 11.78
C ARG A 305 -5.31 -23.87 11.11
N PHE A 306 -4.53 -23.09 10.35
CA PHE A 306 -5.03 -21.86 9.76
C PHE A 306 -4.93 -21.84 8.24
N GLY A 307 -4.18 -22.79 7.68
CA GLY A 307 -3.90 -22.73 6.26
C GLY A 307 -3.08 -21.51 5.96
N ASN A 308 -2.95 -21.23 4.66
CA ASN A 308 -2.32 -20.02 4.17
C ASN A 308 -3.28 -18.86 4.34
N CYS A 309 -3.01 -18.00 5.33
CA CYS A 309 -3.91 -16.84 5.53
CA CYS A 309 -3.85 -16.83 5.60
C CYS A 309 -3.25 -15.55 5.04
N ILE A 310 -2.44 -15.69 3.99
CA ILE A 310 -1.92 -14.58 3.20
C ILE A 310 -1.20 -13.59 4.12
N GLY A 311 -1.63 -12.33 4.18
CA GLY A 311 -0.88 -11.32 4.91
C GLY A 311 -0.90 -11.54 6.41
N ALA A 312 -1.88 -12.30 6.88
CA ALA A 312 -2.04 -12.55 8.30
C ALA A 312 -1.14 -13.67 8.82
N SER A 313 -0.50 -14.41 7.93
CA SER A 313 0.27 -15.60 8.35
C SER A 313 1.42 -15.24 9.29
N MET A 314 2.30 -14.35 8.85
CA MET A 314 3.45 -13.98 9.68
C MET A 314 3.05 -13.39 11.04
N PRO A 315 2.12 -12.40 11.06
CA PRO A 315 1.77 -11.89 12.40
C PRO A 315 0.99 -12.89 13.25
N MET A 316 0.24 -13.80 12.64
CA MET A 316 -0.34 -14.88 13.44
C MET A 316 0.73 -15.78 14.06
N ALA A 317 1.79 -16.06 13.32
CA ALA A 317 2.87 -16.89 13.84
C ALA A 317 3.62 -16.16 14.95
N LEU A 318 3.80 -14.85 14.78
CA LEU A 318 4.40 -14.01 15.81
C LEU A 318 3.56 -14.02 17.08
N TYR A 319 2.25 -13.86 16.94
CA TYR A 319 1.33 -13.96 18.08
C TYR A 319 1.54 -15.28 18.78
N GLU A 320 1.57 -16.38 18.02
CA GLU A 320 1.74 -17.69 18.66
C GLU A 320 3.09 -17.86 19.33
N ALA A 321 4.14 -17.28 18.76
CA ALA A 321 5.47 -17.35 19.36
C ALA A 321 5.48 -16.77 20.77
N VAL A 322 4.84 -15.61 20.91
CA VAL A 322 4.80 -14.89 22.19
C VAL A 322 3.78 -15.51 23.14
N LYS A 323 2.56 -15.69 22.67
CA LYS A 323 1.45 -15.98 23.56
C LYS A 323 1.33 -17.45 23.91
N LEU A 324 1.81 -18.32 23.04
CA LEU A 324 1.68 -19.77 23.28
C LEU A 324 3.01 -20.49 23.46
N ARG A 325 4.06 -20.00 22.80
CA ARG A 325 5.36 -20.68 22.85
C ARG A 325 6.39 -19.96 23.72
N GLY A 326 5.98 -18.90 24.40
CA GLY A 326 6.82 -18.28 25.41
C GLY A 326 8.06 -17.55 24.94
N LEU A 327 8.01 -16.89 23.78
CA LEU A 327 9.07 -15.94 23.44
C LEU A 327 9.04 -14.83 24.48
N GLN A 328 10.18 -14.58 25.13
CA GLN A 328 10.24 -13.60 26.22
C GLN A 328 11.13 -12.42 25.88
N ARG A 329 10.91 -11.29 26.53
CA ARG A 329 11.75 -10.12 26.32
C ARG A 329 13.22 -10.49 26.53
N GLY A 330 14.06 -10.08 25.58
CA GLY A 330 15.47 -10.43 25.63
C GLY A 330 15.84 -11.60 24.74
N ASP A 331 14.87 -12.46 24.42
CA ASP A 331 15.08 -13.55 23.46
C ASP A 331 15.26 -12.94 22.08
N LYS A 332 16.02 -13.61 21.23
CA LYS A 332 16.13 -13.20 19.85
C LYS A 332 15.27 -14.09 18.95
N ALA A 333 14.78 -13.52 17.87
CA ALA A 333 13.97 -14.28 16.93
C ALA A 333 14.20 -13.75 15.52
N VAL A 334 13.68 -14.49 14.54
CA VAL A 334 13.82 -14.12 13.13
C VAL A 334 12.43 -14.13 12.50
N LEU A 335 12.06 -13.04 11.83
CA LEU A 335 10.87 -13.04 10.98
C LEU A 335 11.38 -13.27 9.60
N THR A 336 10.72 -14.11 8.82
CA THR A 336 11.22 -14.37 7.47
C THR A 336 10.09 -14.83 6.59
N GLY A 337 10.22 -14.62 5.29
CA GLY A 337 9.21 -15.07 4.36
C GLY A 337 9.50 -14.80 2.89
N THR A 338 8.71 -15.47 2.06
CA THR A 338 8.69 -15.29 0.61
C THR A 338 7.26 -15.04 0.17
N GLY A 339 7.05 -14.05 -0.70
CA GLY A 339 5.71 -13.71 -1.14
C GLY A 339 5.60 -13.43 -2.62
N SER A 340 4.37 -13.36 -3.12
CA SER A 340 4.13 -12.96 -4.51
C SER A 340 4.89 -11.67 -4.82
N GLY A 341 5.41 -11.57 -6.04
CA GLY A 341 6.23 -10.43 -6.40
C GLY A 341 7.30 -10.72 -7.43
N VAL A 342 8.30 -11.54 -7.13
CA VAL A 342 8.46 -12.26 -5.86
C VAL A 342 9.43 -11.53 -4.93
N SER A 343 9.09 -11.46 -3.64
CA SER A 343 10.02 -10.85 -2.70
C SER A 343 10.42 -11.81 -1.58
N PHE A 344 11.58 -11.53 -1.01
CA PHE A 344 12.11 -12.20 0.18
C PHE A 344 12.27 -11.17 1.29
N VAL A 345 11.90 -11.55 2.51
CA VAL A 345 12.15 -10.72 3.68
C VAL A 345 12.77 -11.50 4.83
N GLY A 346 13.56 -10.80 5.64
CA GLY A 346 14.13 -11.36 6.84
C GLY A 346 14.52 -10.28 7.83
N MET A 347 14.30 -10.55 9.12
CA MET A 347 14.68 -9.64 10.18
C MET A 347 15.12 -10.44 11.40
N VAL A 348 16.25 -10.07 12.00
CA VAL A 348 16.73 -10.63 13.27
C VAL A 348 16.53 -9.58 14.35
N PHE A 349 15.82 -9.91 15.42
CA PHE A 349 15.45 -8.91 16.42
C PHE A 349 15.53 -9.50 17.81
N THR A 350 15.73 -8.62 18.78
CA THR A 350 15.53 -8.94 20.18
C THR A 350 14.13 -8.49 20.54
N TYR A 351 13.34 -9.41 21.08
N TYR A 351 13.34 -9.41 21.08
CA TYR A 351 11.98 -9.14 21.46
CA TYR A 351 11.99 -9.13 21.50
C TYR A 351 11.93 -8.21 22.68
C TYR A 351 11.96 -8.30 22.78
N PHE B 23 12.57 23.33 12.82
CA PHE B 23 13.26 22.17 12.25
C PHE B 23 12.80 21.91 10.81
N SER B 24 13.76 21.60 9.94
CA SER B 24 13.42 21.17 8.60
C SER B 24 14.08 19.83 8.33
N LEU B 25 13.40 19.01 7.54
CA LEU B 25 13.89 17.69 7.18
C LEU B 25 14.55 17.71 5.78
N PRO B 26 15.84 17.33 5.69
CA PRO B 26 16.48 17.28 4.38
C PRO B 26 15.74 16.35 3.44
N PHE B 27 15.46 16.80 2.24
CA PHE B 27 14.63 16.04 1.31
C PHE B 27 14.71 16.69 -0.05
N LYS B 28 15.12 15.93 -1.06
CA LYS B 28 15.25 16.46 -2.41
C LYS B 28 14.49 15.64 -3.45
N LEU B 29 13.65 16.34 -4.20
CA LEU B 29 13.02 15.83 -5.40
C LEU B 29 14.07 15.95 -6.51
N ALA B 30 14.85 14.88 -6.68
CA ALA B 30 16.00 14.93 -7.55
C ALA B 30 15.67 14.84 -9.04
N GLY B 31 14.57 14.17 -9.38
CA GLY B 31 14.12 14.13 -10.75
C GLY B 31 12.64 13.87 -10.81
N LEU B 32 12.05 14.30 -11.90
CA LEU B 32 10.62 14.18 -12.13
C LEU B 32 10.36 13.66 -13.53
N GLY B 33 9.28 12.91 -13.67
CA GLY B 33 8.90 12.33 -14.94
C GLY B 33 7.41 12.18 -15.08
N ARG B 34 6.97 12.06 -16.32
CA ARG B 34 5.55 11.94 -16.66
C ARG B 34 5.34 11.00 -17.84
N TYR B 35 4.17 10.37 -17.87
CA TYR B 35 3.67 9.71 -19.06
C TYR B 35 2.21 10.09 -19.25
N VAL B 36 1.88 10.60 -20.43
CA VAL B 36 0.48 10.76 -20.78
C VAL B 36 0.16 10.03 -22.07
N PRO B 37 -0.96 9.32 -22.08
CA PRO B 37 -1.40 8.61 -23.29
C PRO B 37 -1.59 9.56 -24.46
N GLU B 38 -1.38 9.03 -25.67
CA GLU B 38 -1.42 9.83 -26.89
C GLU B 38 -2.80 10.35 -27.27
N ASP B 39 -3.83 9.58 -26.98
CA ASP B 39 -5.18 9.95 -27.43
C ASP B 39 -5.81 11.06 -26.59
N ILE B 40 -5.96 12.24 -27.20
CA ILE B 40 -6.62 13.38 -26.57
C ILE B 40 -8.11 13.25 -26.79
N VAL B 41 -8.86 13.10 -25.69
CA VAL B 41 -10.32 12.99 -25.75
C VAL B 41 -10.90 14.35 -25.41
N LEU B 42 -11.38 15.07 -26.43
CA LEU B 42 -11.97 16.40 -26.23
C LEU B 42 -13.34 16.30 -25.56
N SER B 43 -13.65 17.26 -24.71
CA SER B 43 -14.93 17.25 -23.99
C SER B 43 -16.08 17.40 -24.97
N SER B 44 -15.82 18.15 -26.04
CA SER B 44 -16.81 18.36 -27.08
C SER B 44 -17.23 17.04 -27.72
N GLU B 45 -16.28 16.11 -27.85
CA GLU B 45 -16.56 14.80 -28.41
C GLU B 45 -17.37 13.93 -27.46
N LEU B 46 -17.01 13.94 -26.18
CA LEU B 46 -17.82 13.25 -25.19
C LEU B 46 -19.22 13.83 -25.12
N GLU B 47 -19.33 15.12 -25.39
CA GLU B 47 -20.60 15.82 -25.27
C GLU B 47 -21.55 15.42 -26.40
N LYS B 48 -21.00 15.19 -27.59
CA LYS B 48 -21.82 14.78 -28.73
C LYS B 48 -22.27 13.34 -28.61
N LYS B 49 -21.36 12.46 -28.21
CA LYS B 49 -21.68 11.03 -28.17
C LYS B 49 -22.73 10.70 -27.11
N TYR B 50 -22.70 11.41 -26.00
CA TYR B 50 -23.60 11.11 -24.88
C TYR B 50 -24.64 12.20 -24.64
N ASP B 51 -24.90 13.00 -25.67
CA ASP B 51 -26.04 13.92 -25.71
C ASP B 51 -25.97 15.02 -24.65
N LEU B 52 -24.76 15.40 -24.25
CA LEU B 52 -24.58 16.48 -23.30
C LEU B 52 -24.50 17.81 -24.04
N PRO B 53 -24.87 18.91 -23.38
CA PRO B 53 -24.75 20.22 -24.03
C PRO B 53 -23.32 20.59 -24.37
N GLN B 54 -23.15 21.32 -25.47
CA GLN B 54 -21.85 21.85 -25.86
C GLN B 54 -21.34 22.75 -24.75
N GLY B 55 -20.17 22.42 -24.20
CA GLY B 55 -19.57 23.22 -23.12
C GLY B 55 -19.92 22.78 -21.72
N TRP B 56 -20.72 21.72 -21.59
CA TRP B 56 -21.09 21.20 -20.26
C TRP B 56 -19.86 20.82 -19.41
N CYS B 57 -18.93 20.07 -20.00
CA CYS B 57 -17.75 19.60 -19.26
C CYS B 57 -16.91 20.77 -18.78
N LEU B 58 -16.63 21.70 -19.68
CA LEU B 58 -15.83 22.87 -19.32
C LEU B 58 -16.49 23.66 -18.19
N GLU B 59 -17.80 23.87 -18.26
CA GLU B 59 -18.46 24.66 -17.22
C GLU B 59 -18.61 23.90 -15.90
N LYS B 60 -19.09 22.66 -15.97
CA LYS B 60 -19.43 21.92 -14.76
C LYS B 60 -18.24 21.20 -14.15
N GLN B 61 -17.35 20.67 -14.99
CA GLN B 61 -16.19 19.93 -14.50
C GLN B 61 -14.89 20.72 -14.58
N GLY B 62 -14.88 21.80 -15.35
CA GLY B 62 -13.64 22.51 -15.59
C GLY B 62 -12.66 21.73 -16.46
N ILE B 63 -13.17 20.87 -17.33
CA ILE B 63 -12.32 20.00 -18.16
C ILE B 63 -12.59 20.24 -19.67
N ARG B 64 -11.55 20.66 -20.38
CA ARG B 64 -11.58 20.78 -21.85
C ARG B 64 -11.21 19.49 -22.57
N GLU B 65 -10.29 18.74 -21.96
CA GLU B 65 -9.83 17.51 -22.56
C GLU B 65 -9.18 16.61 -21.49
N ARG B 66 -9.02 15.34 -21.84
CA ARG B 66 -8.30 14.38 -21.01
C ARG B 66 -7.64 13.34 -21.92
N ARG B 67 -6.73 12.54 -21.36
CA ARG B 67 -6.07 11.49 -22.14
C ARG B 67 -6.61 10.14 -21.72
N TRP B 68 -6.86 9.27 -22.70
CA TRP B 68 -7.25 7.90 -22.41
C TRP B 68 -6.30 6.91 -23.08
N VAL B 69 -5.94 5.87 -22.34
CA VAL B 69 -5.10 4.80 -22.88
C VAL B 69 -5.76 4.07 -24.03
N LYS B 70 -4.93 3.42 -24.82
CA LYS B 70 -5.40 2.51 -25.87
C LYS B 70 -4.53 1.26 -25.92
N GLY B 71 -4.36 0.61 -24.78
CA GLY B 71 -3.71 -0.68 -24.73
C GLY B 71 -2.60 -0.79 -23.71
N GLU B 72 -2.05 0.34 -23.28
CA GLU B 72 -0.90 0.26 -22.40
C GLU B 72 -1.37 -0.12 -20.99
N THR B 73 -0.48 -0.77 -20.26
CA THR B 73 -0.74 -1.12 -18.86
C THR B 73 -0.32 0.00 -17.93
N ALA B 74 -0.80 -0.04 -16.69
CA ALA B 74 -0.37 0.93 -15.70
C ALA B 74 1.11 0.81 -15.39
N ALA B 75 1.65 -0.40 -15.41
CA ALA B 75 3.08 -0.57 -15.17
C ALA B 75 3.88 0.07 -16.31
N PHE B 76 3.38 -0.06 -17.54
CA PHE B 76 4.03 0.59 -18.67
C PHE B 76 4.08 2.11 -18.48
N MET B 77 2.95 2.71 -18.14
CA MET B 77 2.91 4.15 -17.93
C MET B 77 3.86 4.58 -16.83
N GLY B 78 3.81 3.85 -15.72
CA GLY B 78 4.68 4.13 -14.60
C GLY B 78 6.14 4.02 -14.98
N ALA B 79 6.49 2.99 -15.75
CA ALA B 79 7.87 2.79 -16.13
C ALA B 79 8.36 3.94 -17.02
N GLU B 80 7.52 4.40 -17.94
CA GLU B 80 7.89 5.52 -18.80
C GLU B 80 8.15 6.78 -17.99
N ALA B 81 7.25 7.08 -17.04
CA ALA B 81 7.45 8.22 -16.17
C ALA B 81 8.71 8.07 -15.32
N ALA B 82 8.93 6.88 -14.77
CA ALA B 82 10.10 6.60 -13.96
C ALA B 82 11.40 6.78 -14.73
N LYS B 83 11.41 6.31 -15.98
CA LYS B 83 12.62 6.43 -16.78
C LYS B 83 12.97 7.90 -16.98
N GLU B 84 11.97 8.74 -17.20
CA GLU B 84 12.23 10.17 -17.31
C GLU B 84 12.76 10.74 -16.00
N ALA B 85 12.14 10.38 -14.88
CA ALA B 85 12.59 10.85 -13.59
C ALA B 85 14.02 10.44 -13.26
N VAL B 86 14.36 9.19 -13.56
CA VAL B 86 15.72 8.71 -13.30
C VAL B 86 16.75 9.47 -14.15
N ARG B 87 16.46 9.66 -15.44
CA ARG B 87 17.32 10.47 -16.30
C ARG B 87 17.41 11.88 -15.78
N ASP B 88 16.29 12.42 -15.33
CA ASP B 88 16.22 13.80 -14.85
C ASP B 88 17.10 13.99 -13.62
N ALA B 89 17.23 12.93 -12.82
CA ALA B 89 18.07 12.95 -11.63
C ALA B 89 19.54 12.68 -11.91
N GLY B 90 19.89 12.44 -13.17
CA GLY B 90 21.27 12.18 -13.54
C GLY B 90 21.73 10.76 -13.21
N LEU B 91 20.76 9.86 -13.12
CA LEU B 91 21.01 8.49 -12.69
C LEU B 91 20.75 7.47 -13.78
N GLN B 92 21.20 6.25 -13.49
CA GLN B 92 20.86 5.04 -14.23
C GLN B 92 19.84 4.25 -13.41
N LEU B 93 19.07 3.39 -14.05
CA LEU B 93 18.08 2.59 -13.35
C LEU B 93 18.72 1.72 -12.27
N SER B 94 19.94 1.28 -12.51
CA SER B 94 20.65 0.46 -11.55
C SER B 94 21.07 1.23 -10.27
N ASP B 95 20.95 2.56 -10.29
CA ASP B 95 21.24 3.38 -9.12
C ASP B 95 20.09 3.47 -8.11
N ILE B 96 18.89 3.12 -8.55
CA ILE B 96 17.74 3.19 -7.66
C ILE B 96 17.82 2.06 -6.66
N ASP B 97 17.64 2.36 -5.37
CA ASP B 97 17.80 1.29 -4.37
C ASP B 97 16.48 0.94 -3.64
N LEU B 98 15.41 1.64 -3.98
CA LEU B 98 14.06 1.32 -3.52
C LEU B 98 13.03 1.91 -4.48
N ILE B 99 12.01 1.12 -4.79
CA ILE B 99 10.90 1.55 -5.63
C ILE B 99 9.65 1.51 -4.77
N ILE B 100 8.92 2.62 -4.76
CA ILE B 100 7.60 2.68 -4.13
C ILE B 100 6.54 3.03 -5.16
N SER B 101 5.66 2.08 -5.42
CA SER B 101 4.51 2.30 -6.28
C SER B 101 3.44 3.01 -5.44
N ALA B 102 2.86 4.05 -6.01
CA ALA B 102 1.99 4.95 -5.25
C ALA B 102 0.83 5.41 -6.11
N SER B 103 0.14 4.45 -6.69
CA SER B 103 -0.99 4.79 -7.55
CA SER B 103 -1.01 4.73 -7.55
C SER B 103 -2.27 4.86 -6.72
N GLY B 104 -3.29 5.45 -7.31
CA GLY B 104 -4.59 5.56 -6.67
C GLY B 104 -5.46 4.32 -6.82
N SER B 105 -5.14 3.49 -7.80
CA SER B 105 -5.90 2.28 -8.14
C SER B 105 -4.90 1.21 -8.57
N PRO B 106 -5.23 -0.07 -8.39
CA PRO B 106 -4.28 -1.11 -8.81
C PRO B 106 -4.42 -1.55 -10.26
N GLN B 107 -3.30 -1.98 -10.84
CA GLN B 107 -3.32 -2.65 -12.13
C GLN B 107 -4.08 -3.98 -12.05
N GLN B 108 -3.79 -4.70 -10.98
CA GLN B 108 -4.31 -6.04 -10.76
C GLN B 108 -4.16 -6.39 -9.30
N ALA B 109 -4.70 -7.54 -8.89
CA ALA B 109 -4.72 -7.85 -7.47
C ALA B 109 -3.39 -8.36 -6.93
N VAL B 110 -2.67 -9.14 -7.74
CA VAL B 110 -1.45 -9.80 -7.29
C VAL B 110 -0.50 -9.91 -8.47
N PRO B 111 0.78 -9.53 -8.30
CA PRO B 111 1.41 -8.87 -7.14
C PRO B 111 1.06 -7.39 -7.14
N ASP B 112 1.67 -6.61 -6.25
CA ASP B 112 1.36 -5.18 -6.16
C ASP B 112 2.13 -4.42 -7.22
N GLY B 113 1.84 -3.12 -7.32
CA GLY B 113 2.43 -2.29 -8.37
C GLY B 113 3.93 -2.18 -8.35
N GLY B 114 4.53 -2.37 -7.17
CA GLY B 114 5.96 -2.28 -7.02
C GLY B 114 6.71 -3.27 -7.86
N PRO B 115 6.50 -4.57 -7.62
CA PRO B 115 7.20 -5.54 -8.46
C PRO B 115 6.81 -5.45 -9.93
N LEU B 116 5.60 -4.98 -10.25
CA LEU B 116 5.21 -4.87 -11.65
C LEU B 116 5.97 -3.77 -12.37
N VAL B 117 6.16 -2.61 -11.75
CA VAL B 117 6.91 -1.54 -12.41
C VAL B 117 8.42 -1.87 -12.38
N GLN B 118 8.88 -2.56 -11.32
CA GLN B 118 10.26 -3.03 -11.29
C GLN B 118 10.55 -3.94 -12.50
N ARG B 119 9.66 -4.89 -12.74
CA ARG B 119 9.78 -5.76 -13.90
C ARG B 119 9.74 -4.94 -15.21
N GLU B 120 8.77 -4.04 -15.31
CA GLU B 120 8.62 -3.24 -16.52
C GLU B 120 9.90 -2.44 -16.87
N LEU B 121 10.61 -1.96 -15.84
CA LEU B 121 11.81 -1.15 -15.99
C LEU B 121 13.05 -1.94 -16.40
N GLY B 122 12.90 -3.25 -16.48
CA GLY B 122 14.03 -4.13 -16.75
C GLY B 122 14.85 -4.48 -15.53
N LEU B 123 14.31 -4.21 -14.34
CA LEU B 123 15.02 -4.46 -13.08
C LEU B 123 14.52 -5.71 -12.37
N GLY B 124 13.81 -6.55 -13.11
CA GLY B 124 13.18 -7.72 -12.54
C GLY B 124 14.11 -8.73 -11.88
N ARG B 125 15.39 -8.73 -12.27
CA ARG B 125 16.38 -9.61 -11.64
C ARG B 125 17.36 -8.87 -10.75
N SER B 126 17.07 -7.59 -10.50
CA SER B 126 17.99 -6.73 -9.78
C SER B 126 18.00 -6.95 -8.27
N GLY B 127 16.88 -7.42 -7.75
CA GLY B 127 16.69 -7.54 -6.31
C GLY B 127 16.22 -6.26 -5.64
N THR B 128 16.24 -5.15 -6.38
CA THR B 128 15.89 -3.86 -5.81
C THR B 128 14.48 -3.93 -5.19
N PRO B 129 14.38 -3.67 -3.88
CA PRO B 129 13.07 -3.73 -3.22
C PRO B 129 12.04 -2.84 -3.90
N ALA B 130 10.84 -3.38 -4.05
CA ALA B 130 9.77 -2.66 -4.71
C ALA B 130 8.46 -2.98 -3.98
N ILE B 131 7.86 -1.94 -3.43
CA ILE B 131 6.69 -2.07 -2.56
C ILE B 131 5.62 -1.07 -2.99
N THR B 132 4.45 -1.16 -2.34
CA THR B 132 3.40 -0.18 -2.59
C THR B 132 3.01 0.52 -1.29
N VAL B 133 2.77 1.80 -1.41
CA VAL B 133 2.16 2.61 -0.34
C VAL B 133 0.79 3.06 -0.89
N ASN B 134 -0.28 2.85 -0.12
CA ASN B 134 -1.65 3.10 -0.59
C ASN B 134 -2.40 4.00 0.40
N ALA B 135 -2.69 5.22 -0.03
CA ALA B 135 -3.62 6.11 0.65
C ALA B 135 -4.64 6.63 -0.37
N SER B 136 -5.20 5.69 -1.12
CA SER B 136 -6.07 5.93 -2.27
C SER B 136 -5.46 7.02 -3.15
N CSD B 137 -6.20 8.08 -3.48
CA CSD B 137 -5.69 9.04 -4.45
CB CSD B 137 -6.78 9.85 -5.12
SG CSD B 137 -7.93 10.51 -4.09
C CSD B 137 -4.57 9.94 -3.93
O CSD B 137 -3.93 10.70 -4.66
OD1 CSD B 137 -8.61 9.50 -3.33
OD2 CSD B 137 -8.79 11.33 -4.88
N LEU B 138 -4.31 9.83 -2.62
CA LEU B 138 -3.20 10.56 -1.97
C LEU B 138 -1.97 9.70 -1.71
N SER B 139 -1.88 8.56 -2.41
CA SER B 139 -0.75 7.67 -2.25
C SER B 139 0.60 8.31 -2.53
N PHE B 140 0.69 9.17 -3.55
CA PHE B 140 1.96 9.82 -3.89
C PHE B 140 2.52 10.61 -2.70
N PHE B 141 1.66 11.37 -2.03
CA PHE B 141 2.06 12.16 -0.88
C PHE B 141 2.62 11.27 0.22
N VAL B 142 1.87 10.21 0.54
CA VAL B 142 2.25 9.33 1.65
C VAL B 142 3.52 8.58 1.27
N ALA B 143 3.67 8.22 0.00
CA ALA B 143 4.88 7.56 -0.45
C ALA B 143 6.10 8.50 -0.29
N LEU B 144 5.95 9.78 -0.59
CA LEU B 144 7.05 10.72 -0.39
C LEU B 144 7.44 10.79 1.08
N GLU B 145 6.45 10.78 1.96
CA GLU B 145 6.71 10.80 3.39
C GLU B 145 7.48 9.55 3.83
N VAL B 146 7.01 8.39 3.40
CA VAL B 146 7.68 7.13 3.73
C VAL B 146 9.11 7.15 3.19
N ALA B 147 9.26 7.60 1.95
CA ALA B 147 10.57 7.75 1.35
C ALA B 147 11.45 8.71 2.16
N SER B 148 10.90 9.83 2.62
CA SER B 148 11.70 10.79 3.37
C SER B 148 12.26 10.17 4.65
N ASN B 149 11.51 9.28 5.28
CA ASN B 149 12.00 8.63 6.48
C ASN B 149 13.08 7.59 6.18
N TYR B 150 12.93 6.84 5.09
CA TYR B 150 13.98 5.91 4.67
C TYR B 150 15.28 6.66 4.37
N LEU B 151 15.16 7.81 3.71
CA LEU B 151 16.33 8.62 3.38
C LEU B 151 17.03 9.15 4.63
N ASN B 152 16.27 9.71 5.55
CA ASN B 152 16.90 10.33 6.70
C ASN B 152 17.38 9.31 7.74
N MET B 153 16.86 8.09 7.67
CA MET B 153 17.40 6.98 8.45
C MET B 153 18.60 6.31 7.77
N ARG B 154 18.94 6.77 6.57
CA ARG B 154 20.08 6.25 5.78
C ARG B 154 19.92 4.76 5.40
N ARG B 155 18.68 4.30 5.32
CA ARG B 155 18.40 2.93 4.90
C ARG B 155 18.53 2.81 3.39
N TYR B 156 18.01 3.80 2.69
CA TYR B 156 18.09 3.85 1.25
C TYR B 156 18.51 5.23 0.84
N ARG B 157 19.07 5.33 -0.37
CA ARG B 157 19.69 6.58 -0.83
C ARG B 157 19.02 7.24 -2.03
N ARG B 158 18.38 6.44 -2.89
CA ARG B 158 17.87 6.92 -4.16
C ARG B 158 16.57 6.19 -4.47
N ILE B 159 15.46 6.83 -4.15
CA ILE B 159 14.16 6.16 -4.09
C ILE B 159 13.27 6.66 -5.21
N LEU B 160 12.74 5.70 -5.97
CA LEU B 160 11.77 5.97 -7.03
C LEU B 160 10.36 5.87 -6.47
N VAL B 161 9.59 6.93 -6.67
CA VAL B 161 8.17 6.95 -6.30
C VAL B 161 7.34 7.12 -7.57
N VAL B 162 6.45 6.17 -7.84
CA VAL B 162 5.76 6.12 -9.14
C VAL B 162 4.25 5.99 -8.98
N SER B 163 3.51 6.90 -9.60
CA SER B 163 2.06 6.89 -9.56
C SER B 163 1.51 6.77 -10.98
N ALA B 164 0.79 5.70 -11.26
CA ALA B 164 0.19 5.52 -12.58
C ALA B 164 -1.23 5.01 -12.44
N ASP B 165 -2.16 5.71 -13.06
CA ASP B 165 -3.56 5.32 -12.97
C ASP B 165 -4.27 5.34 -14.30
N ILE B 166 -5.03 4.28 -14.54
CA ILE B 166 -5.92 4.17 -15.67
C ILE B 166 -7.37 4.13 -15.15
N ALA B 167 -8.05 5.26 -15.26
CA ALA B 167 -9.41 5.36 -14.74
C ALA B 167 -10.44 5.14 -15.84
N SER B 168 -10.02 5.27 -17.08
CA SER B 168 -10.95 5.25 -18.21
C SER B 168 -11.68 3.93 -18.39
N VAL B 169 -11.11 2.84 -17.87
CA VAL B 169 -11.70 1.51 -18.05
C VAL B 169 -12.74 1.15 -16.98
N SER B 170 -12.97 2.05 -16.03
CA SER B 170 -13.86 1.77 -14.89
C SER B 170 -14.97 2.80 -14.80
N LEU B 171 -15.16 3.57 -15.87
CA LEU B 171 -16.13 4.64 -15.87
C LEU B 171 -17.57 4.15 -15.80
N ASP B 172 -18.43 4.94 -15.16
CA ASP B 172 -19.86 4.67 -15.09
C ASP B 172 -20.56 5.57 -16.10
N PHE B 173 -20.82 5.06 -17.31
CA PHE B 173 -21.43 5.87 -18.34
C PHE B 173 -22.93 6.12 -18.11
N ARG B 174 -23.45 5.68 -16.97
CA ARG B 174 -24.78 6.09 -16.52
C ARG B 174 -24.76 7.54 -16.04
N LYS B 175 -23.59 8.02 -15.64
CA LYS B 175 -23.47 9.27 -14.88
C LYS B 175 -22.42 10.22 -15.48
N PRO B 176 -22.87 11.27 -16.20
CA PRO B 176 -21.91 12.22 -16.80
C PRO B 176 -20.95 12.84 -15.78
N GLU B 177 -21.37 12.97 -14.53
CA GLU B 177 -20.50 13.51 -13.50
C GLU B 177 -19.31 12.58 -13.26
N ASN B 178 -19.50 11.31 -13.61
CA ASN B 178 -18.47 10.30 -13.48
C ASN B 178 -17.61 10.21 -14.74
N PHE B 179 -18.25 9.89 -15.87
CA PHE B 179 -17.47 9.52 -17.04
C PHE B 179 -16.81 10.69 -17.77
N THR B 180 -17.23 11.94 -17.52
CA THR B 180 -16.54 13.08 -18.08
C THR B 180 -15.41 13.56 -17.16
N LEU B 181 -15.33 12.99 -15.96
CA LEU B 181 -14.40 13.48 -14.94
C LEU B 181 -12.99 12.91 -15.05
N PHE B 182 -12.89 11.63 -15.40
CA PHE B 182 -11.62 10.93 -15.22
C PHE B 182 -10.77 10.84 -16.47
N GLY B 183 -9.46 10.92 -16.25
CA GLY B 183 -8.46 10.70 -17.28
C GLY B 183 -7.36 9.78 -16.78
N ASP B 184 -6.45 9.45 -17.67
CA ASP B 184 -5.38 8.50 -17.41
C ASP B 184 -4.04 9.22 -17.46
N ALA B 185 -3.14 8.91 -16.52
CA ALA B 185 -1.81 9.54 -16.51
C ALA B 185 -0.87 8.80 -15.58
N ALA B 186 0.42 9.06 -15.73
CA ALA B 186 1.41 8.65 -14.74
C ALA B 186 2.42 9.73 -14.50
N ALA B 187 2.92 9.79 -13.28
CA ALA B 187 4.04 10.68 -12.98
C ALA B 187 4.90 10.05 -11.89
N ALA B 188 6.13 10.50 -11.80
CA ALA B 188 7.11 9.85 -10.94
C ALA B 188 8.12 10.85 -10.44
N ALA B 189 8.70 10.52 -9.30
CA ALA B 189 9.80 11.28 -8.74
C ALA B 189 10.89 10.34 -8.24
N VAL B 190 12.13 10.80 -8.35
CA VAL B 190 13.26 10.20 -7.64
C VAL B 190 13.60 11.14 -6.49
N VAL B 191 13.73 10.59 -5.30
CA VAL B 191 14.04 11.41 -4.12
C VAL B 191 15.34 10.92 -3.49
N THR B 192 16.11 11.90 -3.02
CA THR B 192 17.42 11.64 -2.42
C THR B 192 17.61 12.60 -1.24
N LEU B 193 18.66 12.40 -0.46
CA LEU B 193 19.09 13.46 0.46
C LEU B 193 19.82 14.52 -0.33
N PRO B 194 19.62 15.80 0.03
CA PRO B 194 20.34 16.85 -0.69
C PRO B 194 21.84 16.82 -0.40
N GLU B 195 22.57 17.39 -1.34
CA GLU B 195 24.01 17.56 -1.20
C GLU B 195 24.31 18.92 -0.55
N PRO B 196 25.54 19.08 -0.03
CA PRO B 196 25.86 20.35 0.60
C PRO B 196 25.61 21.52 -0.36
N GLY B 197 25.02 22.60 0.17
CA GLY B 197 24.71 23.75 -0.65
C GLY B 197 23.31 23.70 -1.27
N GLU B 198 22.61 22.59 -1.07
CA GLU B 198 21.25 22.45 -1.57
C GLU B 198 20.25 22.66 -0.43
N LYS B 199 19.29 23.56 -0.63
CA LYS B 199 18.35 23.90 0.45
C LYS B 199 17.11 22.98 0.51
N SER B 200 16.97 22.10 -0.47
CA SER B 200 15.84 21.17 -0.54
C SER B 200 15.49 20.55 0.81
N CYS B 201 14.26 20.76 1.28
CA CYS B 201 13.85 20.27 2.59
C CYS B 201 12.36 20.37 2.78
N ILE B 202 11.85 19.64 3.76
CA ILE B 202 10.46 19.73 4.16
C ILE B 202 10.37 20.57 5.43
N HIS B 203 9.55 21.63 5.40
CA HIS B 203 9.36 22.51 6.55
C HIS B 203 8.21 22.13 7.47
N ALA B 204 7.19 21.53 6.89
CA ALA B 204 5.97 21.12 7.59
C ALA B 204 5.30 20.02 6.82
N SER B 205 4.70 19.07 7.54
CA SER B 205 3.92 18.03 6.92
C SER B 205 2.82 17.55 7.86
N HIS B 206 1.65 17.25 7.31
CA HIS B 206 0.51 16.88 8.14
C HIS B 206 -0.39 15.95 7.35
N LEU B 207 -0.91 14.94 8.04
CA LEU B 207 -1.83 13.97 7.49
C LEU B 207 -2.89 13.68 8.53
N ARG B 208 -4.17 13.77 8.17
CA ARG B 208 -5.27 13.39 9.06
C ARG B 208 -6.25 12.53 8.29
N THR B 209 -6.84 11.57 8.99
CA THR B 209 -7.78 10.65 8.39
C THR B 209 -9.08 10.66 9.16
N TYR B 210 -10.18 10.76 8.43
CA TYR B 210 -11.52 10.76 9.01
C TYR B 210 -12.32 9.64 8.35
N GLY B 211 -12.09 8.41 8.86
CA GLY B 211 -12.72 7.21 8.35
C GLY B 211 -14.22 7.17 8.39
N PHE B 212 -14.84 8.06 9.17
CA PHE B 212 -16.29 8.09 9.15
C PHE B 212 -16.77 8.49 7.76
N GLY B 213 -15.88 9.12 6.98
CA GLY B 213 -16.20 9.48 5.61
C GLY B 213 -15.96 8.39 4.57
N ALA B 214 -15.58 7.19 4.99
CA ALA B 214 -15.28 6.14 4.01
C ALA B 214 -16.46 5.90 3.05
N GLU B 215 -17.68 5.86 3.57
CA GLU B 215 -18.83 5.57 2.73
C GLU B 215 -19.21 6.68 1.76
N PHE B 216 -18.61 7.87 1.89
CA PHE B 216 -18.99 9.01 1.04
C PHE B 216 -18.15 9.09 -0.21
N SER B 217 -17.15 8.21 -0.33
CA SER B 217 -16.35 8.05 -1.54
C SER B 217 -15.77 6.65 -1.48
N GLU B 218 -16.43 5.75 -2.20
CA GLU B 218 -16.26 4.30 -1.99
C GLU B 218 -16.47 3.53 -3.27
N VAL B 219 -15.69 2.48 -3.42
CA VAL B 219 -15.92 1.45 -4.43
C VAL B 219 -16.03 0.14 -3.62
N ARG B 220 -17.21 -0.45 -3.61
CA ARG B 220 -17.46 -1.61 -2.74
C ARG B 220 -16.84 -2.91 -3.28
N GLY B 221 -16.69 -3.00 -4.59
CA GLY B 221 -16.06 -4.15 -5.22
C GLY B 221 -14.54 -4.08 -5.16
N GLY B 222 -13.88 -5.02 -5.84
CA GLY B 222 -12.44 -5.00 -5.93
C GLY B 222 -11.69 -5.66 -4.80
N GLY B 223 -12.38 -6.44 -3.98
CA GLY B 223 -11.75 -7.11 -2.85
C GLY B 223 -12.59 -8.25 -2.29
N SER B 224 -12.42 -8.54 -1.01
CA SER B 224 -13.08 -9.69 -0.39
C SER B 224 -14.54 -9.40 -0.04
N ARG B 225 -14.90 -8.12 0.10
CA ARG B 225 -16.25 -7.73 0.47
C ARG B 225 -17.25 -8.04 -0.64
N LYS B 226 -16.88 -7.71 -1.87
CA LYS B 226 -17.71 -7.96 -3.05
C LYS B 226 -16.83 -8.48 -4.17
N PRO B 227 -16.45 -9.77 -4.10
CA PRO B 227 -15.50 -10.27 -5.07
C PRO B 227 -16.05 -10.30 -6.50
N PRO B 228 -15.18 -10.09 -7.50
CA PRO B 228 -15.62 -9.99 -8.89
C PRO B 228 -16.37 -11.23 -9.39
N ASN B 229 -15.97 -12.42 -8.98
CA ASN B 229 -16.59 -13.64 -9.49
C ASN B 229 -17.80 -14.07 -8.68
N SER B 230 -18.06 -13.39 -7.57
CA SER B 230 -19.24 -13.67 -6.78
C SER B 230 -20.48 -13.16 -7.47
N LYS B 231 -21.47 -14.02 -7.63
CA LYS B 231 -22.74 -13.61 -8.21
C LYS B 231 -23.55 -12.71 -7.26
N ASP B 232 -23.13 -12.64 -6.00
CA ASP B 232 -23.75 -11.72 -5.06
C ASP B 232 -23.33 -10.28 -5.34
N THR B 233 -22.23 -10.13 -6.09
CA THR B 233 -21.74 -8.83 -6.48
C THR B 233 -22.57 -8.31 -7.64
N ARG B 234 -22.68 -7.00 -7.75
CA ARG B 234 -23.44 -6.39 -8.85
C ARG B 234 -22.46 -5.48 -9.58
N PRO B 235 -22.68 -5.26 -10.90
CA PRO B 235 -21.77 -4.39 -11.67
C PRO B 235 -21.57 -3.01 -11.01
N GLU B 236 -22.63 -2.49 -10.42
CA GLU B 236 -22.59 -1.20 -9.75
C GLU B 236 -21.61 -1.18 -8.58
N ASP B 237 -21.34 -2.34 -7.97
CA ASP B 237 -20.37 -2.37 -6.88
C ASP B 237 -18.98 -2.01 -7.34
N ASN B 238 -18.73 -2.12 -8.64
CA ASN B 238 -17.41 -1.86 -9.21
C ASN B 238 -17.24 -0.43 -9.72
N TYR B 239 -18.24 0.40 -9.48
CA TYR B 239 -18.18 1.83 -9.78
C TYR B 239 -18.04 2.63 -8.51
N LEU B 240 -17.42 3.79 -8.64
CA LEU B 240 -17.29 4.76 -7.56
C LEU B 240 -18.65 5.38 -7.25
N HIS B 241 -18.98 5.42 -5.96
CA HIS B 241 -20.11 6.22 -5.50
C HIS B 241 -19.60 7.30 -4.54
N MET B 242 -20.10 8.51 -4.75
CA MET B 242 -19.75 9.66 -3.95
C MET B 242 -20.97 10.37 -3.41
N ASN B 243 -20.82 10.88 -2.19
CA ASN B 243 -21.80 11.78 -1.59
C ASN B 243 -21.13 13.13 -1.40
N GLY B 244 -21.31 14.00 -2.39
CA GLY B 244 -20.62 15.28 -2.43
C GLY B 244 -20.92 16.15 -1.24
N ALA B 245 -22.20 16.21 -0.86
CA ALA B 245 -22.63 17.04 0.27
C ALA B 245 -21.93 16.63 1.56
N GLU B 246 -21.84 15.32 1.78
CA GLU B 246 -21.24 14.82 3.01
C GLU B 246 -19.71 14.95 2.99
N LEU B 247 -19.10 14.80 1.81
CA LEU B 247 -17.66 15.02 1.67
C LEU B 247 -17.32 16.46 2.02
N LEU B 248 -18.11 17.40 1.52
CA LEU B 248 -17.84 18.80 1.80
C LEU B 248 -17.96 19.11 3.29
N LYS B 249 -18.92 18.47 3.97
CA LYS B 249 -19.09 18.65 5.43
C LYS B 249 -17.85 18.23 6.24
N ILE B 250 -17.13 17.22 5.77
CA ILE B 250 -15.88 16.82 6.41
C ILE B 250 -14.87 17.97 6.36
N GLY B 251 -14.82 18.64 5.21
CA GLY B 251 -14.03 19.86 5.10
C GLY B 251 -14.51 20.97 6.01
N PHE B 252 -15.82 21.23 6.02
CA PHE B 252 -16.35 22.29 6.87
C PHE B 252 -15.97 22.07 8.33
N GLU B 253 -15.92 20.81 8.72
CA GLU B 253 -15.66 20.45 10.11
C GLU B 253 -14.19 20.42 10.49
N TYR B 254 -13.33 19.98 9.56
CA TYR B 254 -11.96 19.67 9.91
C TYR B 254 -10.87 20.40 9.13
N LEU B 255 -11.21 21.10 8.06
CA LEU B 255 -10.14 21.68 7.26
C LEU B 255 -9.46 22.86 7.95
N PRO B 256 -10.22 23.77 8.59
CA PRO B 256 -9.49 24.89 9.23
C PRO B 256 -8.47 24.44 10.27
N LYS B 257 -8.85 23.43 11.05
CA LYS B 257 -7.96 22.83 12.04
C LYS B 257 -6.76 22.20 11.38
N PHE B 258 -7.02 21.49 10.28
CA PHE B 258 -5.93 20.88 9.53
C PHE B 258 -4.95 21.93 9.04
N THR B 259 -5.47 22.97 8.40
CA THR B 259 -4.62 24.03 7.88
C THR B 259 -3.79 24.68 8.98
N GLU B 260 -4.42 24.94 10.11
CA GLU B 260 -3.72 25.55 11.24
C GLU B 260 -2.60 24.64 11.76
N SER B 261 -2.89 23.35 11.93
CA SER B 261 -1.88 22.42 12.44
C SER B 261 -0.67 22.32 11.51
N LEU B 262 -0.91 22.45 10.23
CA LEU B 262 0.17 22.34 9.26
C LEU B 262 1.10 23.54 9.39
N TRP B 263 0.52 24.73 9.29
CA TRP B 263 1.32 25.95 9.19
C TRP B 263 1.95 26.30 10.54
N LYS B 264 1.32 25.83 11.62
CA LYS B 264 1.85 25.81 13.00
C LYS B 264 3.31 25.36 13.06
N GLN B 265 3.62 24.41 12.18
CA GLN B 265 4.91 23.75 12.20
C GLN B 265 6.05 24.62 11.72
N CYS B 266 5.71 25.63 10.91
CA CYS B 266 6.73 26.48 10.30
C CYS B 266 6.32 27.95 10.41
N PRO B 267 6.35 28.48 11.64
CA PRO B 267 5.81 29.82 11.90
C PRO B 267 6.53 30.93 11.14
N ASP B 268 7.79 30.70 10.76
CA ASP B 268 8.54 31.68 9.97
C ASP B 268 8.22 31.65 8.47
N ILE B 269 7.32 30.75 8.06
CA ILE B 269 6.93 30.63 6.66
C ILE B 269 5.42 30.74 6.56
N THR B 270 4.94 31.62 5.68
CA THR B 270 3.51 31.72 5.41
C THR B 270 3.28 31.54 3.90
N VAL B 271 2.01 31.49 3.50
CA VAL B 271 1.71 31.26 2.10
C VAL B 271 2.25 32.40 1.23
N ARG B 272 2.40 33.60 1.80
CA ARG B 272 3.02 34.71 1.10
C ARG B 272 4.46 34.43 0.63
N ASP B 273 5.15 33.54 1.35
CA ASP B 273 6.53 33.14 1.03
C ASP B 273 6.64 32.01 -0.01
N VAL B 274 5.52 31.36 -0.34
CA VAL B 274 5.60 30.23 -1.29
C VAL B 274 5.26 30.67 -2.71
N LYS B 275 5.94 30.07 -3.68
CA LYS B 275 5.72 30.37 -5.10
C LYS B 275 4.48 29.66 -5.64
N TYR B 276 4.35 28.36 -5.32
CA TYR B 276 3.24 27.57 -5.84
C TYR B 276 2.53 26.71 -4.81
N ILE B 277 1.22 26.64 -4.96
CA ILE B 277 0.38 25.67 -4.29
C ILE B 277 0.07 24.60 -5.34
N ILE B 278 0.37 23.35 -5.00
CA ILE B 278 0.36 22.24 -5.92
C ILE B 278 -0.63 21.20 -5.39
N PRO B 279 -1.89 21.29 -5.82
CA PRO B 279 -2.94 20.46 -5.24
C PRO B 279 -3.28 19.19 -6.02
N HIS B 280 -3.59 18.17 -5.27
CA HIS B 280 -4.36 17.08 -5.79
C HIS B 280 -5.65 17.70 -6.32
N GLN B 281 -6.09 17.38 -7.54
CA GLN B 281 -7.21 18.09 -8.14
C GLN B 281 -8.18 17.14 -8.82
N PRO B 282 -9.03 16.51 -8.00
CA PRO B 282 -9.97 15.50 -8.50
C PRO B 282 -11.22 16.13 -9.13
N SER B 283 -11.44 17.42 -8.90
CA SER B 283 -12.50 18.14 -9.56
C SER B 283 -12.17 19.63 -9.50
N ARG B 284 -13.00 20.45 -10.14
CA ARG B 284 -12.75 21.89 -10.17
C ARG B 284 -12.97 22.56 -8.82
N VAL B 285 -13.67 21.89 -7.91
CA VAL B 285 -13.98 22.50 -6.61
C VAL B 285 -12.74 22.91 -5.82
N VAL B 286 -11.69 22.08 -5.82
CA VAL B 286 -10.53 22.42 -5.03
C VAL B 286 -9.85 23.65 -5.62
N LEU B 287 -9.81 23.73 -6.94
CA LEU B 287 -9.17 24.86 -7.59
C LEU B 287 -10.01 26.11 -7.42
N ASP B 288 -11.33 25.96 -7.48
CA ASP B 288 -12.23 27.10 -7.27
C ASP B 288 -12.07 27.65 -5.86
N TYR B 289 -12.07 26.77 -4.87
CA TYR B 289 -11.81 27.18 -3.50
C TYR B 289 -10.46 27.89 -3.34
N LEU B 290 -9.40 27.28 -3.86
CA LEU B 290 -8.07 27.87 -3.76
C LEU B 290 -8.00 29.23 -4.46
N SER B 291 -8.72 29.38 -5.57
CA SER B 291 -8.72 30.62 -6.35
CA SER B 291 -8.66 30.63 -6.31
C SER B 291 -9.41 31.78 -5.62
N LEU B 292 -10.33 31.46 -4.71
CA LEU B 292 -10.99 32.47 -3.90
C LEU B 292 -10.08 32.97 -2.80
N SER B 293 -9.09 32.14 -2.46
CA SER B 293 -8.26 32.36 -1.28
C SER B 293 -6.87 32.90 -1.59
N TYR B 294 -6.32 32.48 -2.72
CA TYR B 294 -4.93 32.70 -3.03
C TYR B 294 -4.77 33.24 -4.44
N PRO B 295 -3.70 34.02 -4.66
CA PRO B 295 -3.49 34.58 -6.00
C PRO B 295 -3.40 33.50 -7.07
N GLU B 296 -4.04 33.74 -8.21
CA GLU B 296 -4.13 32.74 -9.27
C GLU B 296 -2.75 32.29 -9.77
N GLU B 297 -1.79 33.21 -9.78
CA GLU B 297 -0.46 32.91 -10.28
C GLU B 297 0.21 31.80 -9.47
N LYS B 298 -0.25 31.60 -8.24
CA LYS B 298 0.34 30.60 -7.36
C LYS B 298 -0.23 29.21 -7.56
N LEU B 299 -1.33 29.08 -8.29
CA LEU B 299 -2.00 27.79 -8.42
C LEU B 299 -1.53 27.01 -9.64
N ILE B 300 -1.29 25.71 -9.43
CA ILE B 300 -0.93 24.83 -10.53
C ILE B 300 -2.16 24.05 -10.95
N ARG B 301 -2.54 24.25 -12.20
CA ARG B 301 -3.73 23.67 -12.79
C ARG B 301 -3.36 22.62 -13.83
N ILE B 302 -3.86 21.40 -13.68
CA ILE B 302 -3.73 20.38 -14.75
C ILE B 302 -5.07 19.70 -15.12
N ILE B 303 -6.09 19.86 -14.30
CA ILE B 303 -7.33 19.13 -14.52
C ILE B 303 -7.98 19.47 -15.85
N GLU B 304 -7.76 20.70 -16.33
CA GLU B 304 -8.48 21.14 -17.52
C GLU B 304 -8.01 20.36 -18.74
N ARG B 305 -6.81 19.79 -18.67
CA ARG B 305 -6.22 19.04 -19.78
C ARG B 305 -6.06 17.54 -19.52
N PHE B 306 -6.10 17.12 -18.26
CA PHE B 306 -5.85 15.71 -17.96
C PHE B 306 -6.98 15.07 -17.17
N GLY B 307 -7.97 15.86 -16.79
CA GLY B 307 -9.07 15.36 -15.96
C GLY B 307 -8.57 14.91 -14.60
N ASN B 308 -9.43 14.22 -13.86
CA ASN B 308 -9.07 13.61 -12.61
C ASN B 308 -8.30 12.32 -12.91
N CYS B 309 -6.99 12.32 -12.65
CA CYS B 309 -6.19 11.13 -12.92
CA CYS B 309 -6.12 11.18 -12.90
C CYS B 309 -5.77 10.43 -11.62
N ILE B 310 -6.66 10.51 -10.64
CA ILE B 310 -6.58 9.75 -9.40
C ILE B 310 -5.25 10.00 -8.71
N GLY B 311 -4.47 8.93 -8.45
CA GLY B 311 -3.22 9.05 -7.74
C GLY B 311 -2.17 9.86 -8.47
N ALA B 312 -2.31 9.99 -9.78
CA ALA B 312 -1.32 10.68 -10.60
C ALA B 312 -1.53 12.19 -10.61
N SER B 313 -2.65 12.66 -10.06
CA SER B 313 -3.00 14.09 -10.13
C SER B 313 -1.95 14.99 -9.46
N MET B 314 -1.64 14.75 -8.18
CA MET B 314 -0.64 15.58 -7.51
C MET B 314 0.76 15.51 -8.15
N PRO B 315 1.29 14.30 -8.44
CA PRO B 315 2.64 14.32 -9.05
C PRO B 315 2.64 14.91 -10.48
N MET B 316 1.52 14.82 -11.20
CA MET B 316 1.40 15.51 -12.49
C MET B 316 1.46 17.02 -12.27
N ALA B 317 0.84 17.50 -11.19
CA ALA B 317 0.86 18.93 -10.92
C ALA B 317 2.27 19.36 -10.50
N LEU B 318 2.96 18.50 -9.77
CA LEU B 318 4.33 18.76 -9.38
C LEU B 318 5.24 18.83 -10.59
N TYR B 319 5.08 17.88 -11.51
CA TYR B 319 5.82 17.89 -12.75
C TYR B 319 5.57 19.22 -13.49
N GLU B 320 4.30 19.59 -13.58
CA GLU B 320 3.92 20.86 -14.24
C GLU B 320 4.62 22.06 -13.62
N ALA B 321 4.61 22.08 -12.29
CA ALA B 321 5.18 23.20 -11.55
C ALA B 321 6.64 23.43 -11.89
N VAL B 322 7.40 22.34 -11.99
CA VAL B 322 8.83 22.41 -12.27
C VAL B 322 9.12 22.57 -13.77
N LYS B 323 8.48 21.75 -14.60
CA LYS B 323 8.86 21.63 -16.01
C LYS B 323 8.15 22.59 -16.96
N LEU B 324 6.96 23.04 -16.58
CA LEU B 324 6.20 23.98 -17.40
C LEU B 324 6.08 25.37 -16.76
N ARG B 325 6.07 25.43 -15.43
CA ARG B 325 5.87 26.72 -14.74
C ARG B 325 7.10 27.29 -13.98
N GLY B 326 8.29 26.74 -14.16
CA GLY B 326 9.48 27.36 -13.59
C GLY B 326 9.60 27.44 -12.06
N LEU B 327 9.08 26.46 -11.32
CA LEU B 327 9.53 26.31 -9.94
C LEU B 327 11.01 25.98 -9.96
N GLN B 328 11.83 26.79 -9.27
CA GLN B 328 13.27 26.61 -9.25
C GLN B 328 13.78 26.17 -7.88
N ARG B 329 14.97 25.59 -7.84
CA ARG B 329 15.56 25.22 -6.56
C ARG B 329 15.63 26.46 -5.65
N GLY B 330 15.20 26.28 -4.40
CA GLY B 330 15.19 27.37 -3.44
C GLY B 330 13.84 28.00 -3.27
N ASP B 331 12.97 27.89 -4.28
CA ASP B 331 11.58 28.35 -4.16
C ASP B 331 10.85 27.43 -3.19
N LYS B 332 9.83 27.96 -2.53
CA LYS B 332 9.02 27.17 -1.64
C LYS B 332 7.69 26.86 -2.33
N ALA B 333 7.11 25.73 -1.96
CA ALA B 333 5.84 25.30 -2.53
C ALA B 333 5.09 24.49 -1.50
N VAL B 334 3.82 24.24 -1.78
CA VAL B 334 2.97 23.46 -0.90
C VAL B 334 2.30 22.37 -1.68
N LEU B 335 2.41 21.11 -1.24
CA LEU B 335 1.57 20.03 -1.76
C LEU B 335 0.38 19.94 -0.85
N THR B 336 -0.80 19.73 -1.41
CA THR B 336 -1.99 19.66 -0.57
C THR B 336 -3.05 18.83 -1.28
N GLY B 337 -3.92 18.18 -0.52
CA GLY B 337 -4.97 17.39 -1.12
C GLY B 337 -5.93 16.77 -0.13
N THR B 338 -7.08 16.39 -0.67
CA THR B 338 -8.09 15.64 0.04
C THR B 338 -8.43 14.42 -0.81
N GLY B 339 -8.56 13.26 -0.19
CA GLY B 339 -8.81 12.03 -0.92
C GLY B 339 -9.77 11.11 -0.21
N SER B 340 -10.21 10.08 -0.94
CA SER B 340 -11.10 9.06 -0.37
C SER B 340 -10.49 8.49 0.90
N GLY B 341 -11.34 8.20 1.88
CA GLY B 341 -10.85 7.80 3.19
C GLY B 341 -11.75 8.18 4.34
N VAL B 342 -11.94 9.46 4.62
CA VAL B 342 -11.38 10.62 3.91
C VAL B 342 -10.12 11.11 4.58
N SER B 343 -9.09 11.45 3.80
CA SER B 343 -7.86 11.99 4.38
C SER B 343 -7.50 13.37 3.81
N PHE B 344 -6.80 14.15 4.62
CA PHE B 344 -6.21 15.42 4.25
C PHE B 344 -4.70 15.32 4.33
N VAL B 345 -4.01 15.89 3.34
CA VAL B 345 -2.56 15.99 3.38
C VAL B 345 -2.08 17.39 3.04
N GLY B 346 -0.94 17.74 3.62
CA GLY B 346 -0.26 18.96 3.27
C GLY B 346 1.21 18.91 3.62
N MET B 347 2.03 19.58 2.81
CA MET B 347 3.47 19.66 3.01
C MET B 347 3.98 20.99 2.51
N VAL B 348 4.74 21.70 3.34
CA VAL B 348 5.44 22.91 2.92
C VAL B 348 6.90 22.58 2.72
N PHE B 349 7.47 22.88 1.56
CA PHE B 349 8.81 22.44 1.26
C PHE B 349 9.58 23.46 0.43
N THR B 350 10.90 23.43 0.56
CA THR B 350 11.78 24.10 -0.36
C THR B 350 12.19 23.10 -1.43
N TYR B 351 12.00 23.49 -2.69
N TYR B 351 12.02 23.48 -2.70
CA TYR B 351 12.36 22.66 -3.83
CA TYR B 351 12.36 22.59 -3.82
C TYR B 351 13.88 22.65 -4.04
C TYR B 351 13.88 22.43 -3.96
P PO4 C . 5.58 -7.20 28.24
O1 PO4 C . 4.97 -6.42 27.10
O2 PO4 C . 5.49 -8.68 27.94
O3 PO4 C . 4.81 -6.90 29.51
O4 PO4 C . 7.02 -6.79 28.41
P PO4 D . -3.15 -9.67 -21.11
O1 PO4 D . -4.21 -9.91 -22.16
O2 PO4 D . -1.79 -9.54 -21.77
O3 PO4 D . -3.11 -10.86 -20.17
O4 PO4 D . -3.46 -8.41 -20.35
P PO4 E . 18.61 -2.04 10.26
O1 PO4 E . 17.12 -1.78 10.20
O2 PO4 E . 19.10 -2.38 8.89
O3 PO4 E . 18.88 -3.18 11.21
O4 PO4 E . 19.32 -0.81 10.77
C1 MPD F . 0.84 -17.36 -0.78
C2 MPD F . 0.69 -17.44 -2.26
O2 MPD F . -0.40 -16.53 -2.60
CM MPD F . 0.31 -18.86 -2.66
C3 MPD F . 1.96 -16.89 -2.88
C4 MPD F . 3.21 -17.77 -2.87
O4 MPD F . 4.10 -17.24 -3.85
C5 MPD F . 4.00 -17.79 -1.56
C1 MPD G . -3.64 -14.76 -3.33
C2 MPD G . -5.04 -14.14 -3.16
O2 MPD G . -5.55 -13.84 -4.47
CM MPD G . -4.97 -12.79 -2.45
C3 MPD G . -5.95 -15.11 -2.37
C4 MPD G . -6.93 -15.96 -3.18
O4 MPD G . -6.71 -15.89 -4.57
C5 MPD G . -6.94 -17.43 -2.75
CL CL H . 19.07 -4.31 3.23
NA NA I . -8.51 -36.16 6.45
P PO4 J . 19.34 19.71 -9.91
O1 PO4 J . 18.07 19.07 -10.40
O2 PO4 J . 20.09 18.72 -9.07
O3 PO4 J . 19.01 20.91 -9.03
O4 PO4 J . 20.13 20.16 -11.12
P PO4 K . -26.58 2.89 -8.08
O1 PO4 K . -27.94 2.87 -8.72
O2 PO4 K . -25.60 2.16 -8.96
O3 PO4 K . -26.64 2.21 -6.72
O4 PO4 K . -26.14 4.33 -7.91
P PO4 L . -22.74 -5.13 2.06
O1 PO4 L . -23.55 -5.61 0.88
O2 PO4 L . -21.28 -5.47 1.87
O3 PO4 L . -23.26 -5.80 3.31
O4 PO4 L . -22.91 -3.63 2.18
P PO4 M . 8.50 17.35 9.66
O1 PO4 M . 9.74 16.78 10.32
O2 PO4 M . 8.83 18.71 9.09
O3 PO4 M . 7.39 17.45 10.68
O4 PO4 M . 8.08 16.42 8.53
C1 MPD N . -13.26 11.41 -7.44
C2 MPD N . -12.28 10.92 -6.37
O2 MPD N . -11.03 11.64 -6.57
CM MPD N . -11.92 9.45 -6.60
C3 MPD N . -12.93 11.13 -5.00
C4 MPD N . -12.15 11.86 -3.93
O4 MPD N . -11.55 13.02 -4.43
C5 MPD N . -13.07 12.28 -2.78
C1 MPD O . -9.84 4.62 -8.91
C2 MPD O . -11.34 4.78 -9.09
O2 MPD O . -11.75 5.94 -8.30
CM MPD O . -12.06 3.56 -8.52
C3 MPD O . -11.67 4.99 -10.57
C4 MPD O . -13.12 5.36 -10.89
O4 MPD O . -13.13 6.18 -12.04
C5 MPD O . -14.02 4.16 -11.17
NA NA P . 6.12 -5.77 -2.91
#